data_7C71
#
_entry.id   7C71
#
_cell.length_a   57.400
_cell.length_b   100.960
_cell.length_c   66.520
_cell.angle_alpha   90.000
_cell.angle_beta   104.600
_cell.angle_gamma   90.000
#
_symmetry.space_group_name_H-M   'P 1 21 1'
#
loop_
_entity.id
_entity.type
_entity.pdbx_description
1 polymer 'Sugar ABC transporter, periplasmic sugar-binding protein'
2 non-polymer 'CHLORIDE ION'
3 non-polymer 'SULFUR DIOXIDE'
4 non-polymer 'SULFITE ION'
5 non-polymer 1,2-ETHANEDIOL
6 non-polymer 'TRIETHYLENE GLYCOL'
7 water water
#
_entity_poly.entity_id   1
_entity_poly.type   'polypeptide(L)'
_entity_poly.pdbx_seq_one_letter_code
;MQKTLEVWIMPNSPQPAEDFKALVAPFEKAHGVEVKVTVLDWGVAWTKITTAATSGVGPDLTQLGTTWVGAISAMGVLEP
VDDVLEALGGEKAYLPAVWRTTRLEGARQATAVPWFSALRAFYYRTDALKAAGVNPAEMFASWQGFEAGLARLKASSFRD
PETKAPLAPLCTPGKNSWDVLHNAAPWIWGAGGEIVRQAGGRWQSALNSPESLEGLYFFLSLAQKGYVPAESLEKNTAQI
EADFQAGKCAVFASGPWMIQRAQVPEAKGGFAERTAAKNLGVAPYPAGPKGRYTFFGGSNLALFNFSKNKPLAKELLKYL
GGPEAQVRYAQMTGMLPALRSAWSDPSFQQNPLLRTFIQAAQFGRTYPSLAGWGGVENLAVQHLGMAWDLVAQGRLTREA
LKDLMDKASAAINQALRHHHHHH
;
_entity_poly.pdbx_strand_id   A,B
#
loop_
_chem_comp.id
_chem_comp.type
_chem_comp.name
_chem_comp.formula
CL non-polymer 'CHLORIDE ION' 'Cl -1'
EDO non-polymer 1,2-ETHANEDIOL 'C2 H6 O2'
PGE non-polymer 'TRIETHYLENE GLYCOL' 'C6 H14 O4'
SO2 non-polymer 'SULFUR DIOXIDE' 'O2 S'
SO3 non-polymer 'SULFITE ION' 'O3 S -2'
#
# COMPACT_ATOMS: atom_id res chain seq x y z
N LYS A 3 12.77 28.65 -10.06
CA LYS A 3 11.88 28.81 -8.83
C LYS A 3 10.91 27.61 -8.77
N THR A 4 11.00 26.76 -7.73
CA THR A 4 10.26 25.46 -7.68
C THR A 4 9.50 25.26 -6.35
N LEU A 5 8.36 24.59 -6.42
CA LEU A 5 7.60 24.16 -5.22
C LEU A 5 7.64 22.64 -5.18
N GLU A 6 7.77 22.05 -4.00
CA GLU A 6 7.69 20.57 -3.89
C GLU A 6 6.31 20.17 -3.31
N VAL A 7 5.67 19.19 -3.94
CA VAL A 7 4.38 18.60 -3.47
C VAL A 7 4.58 17.08 -3.39
N TRP A 8 4.15 16.49 -2.26
CA TRP A 8 3.99 15.02 -2.07
C TRP A 8 2.53 14.64 -2.24
N ILE A 9 2.23 13.69 -3.15
CA ILE A 9 0.86 13.13 -3.31
C ILE A 9 0.93 11.61 -3.14
N MET A 10 -0.23 10.98 -2.99
CA MET A 10 -0.35 9.51 -2.99
C MET A 10 -0.91 9.12 -4.37
N PRO A 11 -0.95 7.84 -4.75
CA PRO A 11 -1.33 7.45 -6.11
C PRO A 11 -2.85 7.54 -6.30
N ASN A 12 -3.38 8.71 -6.64
CA ASN A 12 -4.84 9.01 -6.58
C ASN A 12 -5.51 8.68 -7.94
N SER A 13 -4.71 8.55 -8.99
CA SER A 13 -5.18 8.48 -10.40
C SER A 13 -4.34 7.45 -11.15
N PRO A 14 -4.73 7.04 -12.38
CA PRO A 14 -4.01 6.00 -13.12
C PRO A 14 -2.56 6.33 -13.42
N GLN A 15 -2.25 7.59 -13.72
CA GLN A 15 -0.85 8.05 -13.94
C GLN A 15 -0.56 9.14 -12.90
N PRO A 16 -0.28 8.79 -11.63
CA PRO A 16 -0.26 9.79 -10.56
C PRO A 16 0.56 11.06 -10.86
N ALA A 17 1.85 10.92 -11.17
CA ALA A 17 2.80 12.01 -11.48
C ALA A 17 2.34 12.83 -12.71
N GLU A 18 2.08 12.17 -13.84
CA GLU A 18 1.72 12.82 -15.12
C GLU A 18 0.40 13.58 -14.96
N ASP A 19 -0.61 12.99 -14.32
CA ASP A 19 -1.92 13.61 -14.07
C ASP A 19 -1.74 14.88 -13.22
N PHE A 20 -0.98 14.79 -12.14
CA PHE A 20 -0.76 15.95 -11.24
C PHE A 20 0.01 17.05 -11.99
N LYS A 21 1.08 16.72 -12.72
CA LYS A 21 1.84 17.71 -13.55
CA LYS A 21 1.85 17.70 -13.57
C LYS A 21 0.91 18.40 -14.56
N ALA A 22 0.01 17.65 -15.22
CA ALA A 22 -1.00 18.21 -16.13
C ALA A 22 -2.02 19.10 -15.37
N LEU A 23 -2.39 18.71 -14.15
CA LEU A 23 -3.32 19.50 -13.30
C LEU A 23 -2.73 20.87 -12.99
N VAL A 24 -1.43 20.95 -12.71
CA VAL A 24 -0.82 22.20 -12.19
C VAL A 24 -0.16 23.02 -13.30
N ALA A 25 -0.18 22.56 -14.55
CA ALA A 25 0.44 23.26 -15.71
C ALA A 25 -0.09 24.69 -15.86
N PRO A 26 -1.39 24.98 -15.78
CA PRO A 26 -1.84 26.37 -15.85
C PRO A 26 -1.32 27.23 -14.67
N PHE A 27 -1.20 26.68 -13.46
CA PHE A 27 -0.67 27.40 -12.28
C PHE A 27 0.81 27.76 -12.51
N GLU A 28 1.60 26.78 -12.96
CA GLU A 28 3.04 27.00 -13.31
C GLU A 28 3.15 28.12 -14.36
N LYS A 29 2.27 28.11 -15.35
CA LYS A 29 2.32 29.13 -16.42
C LYS A 29 1.98 30.50 -15.81
N ALA A 30 0.91 30.59 -15.04
CA ALA A 30 0.45 31.90 -14.50
C ALA A 30 1.49 32.48 -13.53
N HIS A 31 2.28 31.66 -12.83
CA HIS A 31 3.23 32.14 -11.79
C HIS A 31 4.70 31.99 -12.22
N GLY A 32 4.98 31.47 -13.41
CA GLY A 32 6.39 31.24 -13.87
C GLY A 32 7.19 30.43 -12.86
N VAL A 33 6.65 29.31 -12.38
CA VAL A 33 7.30 28.42 -11.38
C VAL A 33 7.15 26.98 -11.86
N GLU A 34 8.00 26.10 -11.36
CA GLU A 34 7.93 24.66 -11.59
C GLU A 34 7.43 24.03 -10.28
N VAL A 35 6.41 23.18 -10.40
CA VAL A 35 5.97 22.29 -9.29
C VAL A 35 6.65 20.94 -9.50
N LYS A 36 7.50 20.53 -8.57
CA LYS A 36 8.06 19.16 -8.53
C LYS A 36 7.11 18.27 -7.69
N VAL A 37 6.62 17.18 -8.24
CA VAL A 37 5.71 16.25 -7.50
C VAL A 37 6.48 14.94 -7.26
N THR A 38 6.33 14.42 -6.05
CA THR A 38 6.82 13.08 -5.64
C THR A 38 5.61 12.27 -5.17
N VAL A 39 5.48 11.07 -5.73
CA VAL A 39 4.32 10.17 -5.50
C VAL A 39 4.76 9.20 -4.44
N LEU A 40 4.05 9.17 -3.31
CA LEU A 40 4.35 8.27 -2.17
C LEU A 40 3.31 7.14 -2.21
N ASP A 41 3.79 5.92 -2.31
CA ASP A 41 2.96 4.70 -2.15
C ASP A 41 2.27 4.80 -0.78
N TRP A 42 1.00 4.42 -0.70
CA TRP A 42 0.22 4.41 0.57
C TRP A 42 0.94 3.56 1.62
N GLY A 43 1.69 2.55 1.17
CA GLY A 43 2.55 1.70 2.02
C GLY A 43 3.57 2.49 2.84
N VAL A 44 4.02 3.66 2.36
CA VAL A 44 5.14 4.43 3.00
C VAL A 44 4.77 5.89 3.27
N ALA A 45 3.63 6.40 2.75
CA ALA A 45 3.30 7.84 2.80
C ALA A 45 3.27 8.32 4.25
N TRP A 46 2.72 7.51 5.15
CA TRP A 46 2.54 7.92 6.57
C TRP A 46 3.90 8.14 7.23
N THR A 47 4.76 7.12 7.19
CA THR A 47 6.10 7.16 7.80
C THR A 47 6.87 8.37 7.22
N LYS A 48 6.80 8.57 5.91
CA LYS A 48 7.54 9.65 5.19
C LYS A 48 7.06 11.00 5.68
N ILE A 49 5.74 11.17 5.83
CA ILE A 49 5.14 12.47 6.25
C ILE A 49 5.52 12.73 7.71
N THR A 50 5.48 11.66 8.51
CA THR A 50 5.91 11.64 9.94
C THR A 50 7.38 12.08 10.03
N THR A 51 8.28 11.54 9.19
CA THR A 51 9.73 11.88 9.27
C THR A 51 9.91 13.35 8.89
N ALA A 52 9.16 13.80 7.88
CA ALA A 52 9.17 15.22 7.47
C ALA A 52 8.83 16.10 8.66
N ALA A 53 7.79 15.72 9.42
CA ALA A 53 7.26 16.47 10.58
C ALA A 53 8.33 16.62 11.68
N THR A 54 9.05 15.54 12.02
CA THR A 54 10.07 15.51 13.14
C THR A 54 11.37 16.19 12.70
N SER A 55 11.76 16.07 11.44
CA SER A 55 13.12 16.45 10.97
C SER A 55 13.13 17.90 10.46
N GLY A 56 11.95 18.47 10.15
CA GLY A 56 11.90 19.78 9.47
C GLY A 56 12.31 19.72 8.01
N VAL A 57 12.49 18.51 7.48
CA VAL A 57 12.92 18.31 6.06
C VAL A 57 11.73 17.68 5.35
N GLY A 58 11.28 18.30 4.28
CA GLY A 58 10.18 17.74 3.52
C GLY A 58 9.77 18.69 2.40
N PRO A 59 8.52 18.50 1.90
CA PRO A 59 8.01 19.27 0.76
C PRO A 59 7.40 20.59 1.23
N ASP A 60 6.87 21.35 0.29
CA ASP A 60 6.07 22.55 0.61
C ASP A 60 4.67 22.08 1.01
N LEU A 61 4.00 21.40 0.09
CA LEU A 61 2.65 20.82 0.34
C LEU A 61 2.75 19.29 0.45
N THR A 62 1.93 18.69 1.31
CA THR A 62 1.65 17.22 1.32
C THR A 62 0.16 16.94 1.31
N GLN A 63 -0.23 15.93 0.55
CA GLN A 63 -1.51 15.22 0.68
C GLN A 63 -1.57 14.60 2.08
N LEU A 64 -2.74 14.59 2.71
CA LEU A 64 -3.02 13.83 3.96
C LEU A 64 -4.34 13.11 3.72
N GLY A 65 -4.42 11.82 4.09
CA GLY A 65 -5.74 11.20 4.23
C GLY A 65 -6.57 12.06 5.16
N THR A 66 -7.89 12.16 4.99
CA THR A 66 -8.70 13.02 5.88
C THR A 66 -8.48 12.63 7.36
N THR A 67 -8.34 11.35 7.66
CA THR A 67 -8.25 10.82 9.04
C THR A 67 -6.84 11.06 9.63
N TRP A 68 -5.91 11.62 8.85
CA TRP A 68 -4.50 11.91 9.26
C TRP A 68 -4.41 13.32 9.83
N VAL A 69 -5.40 14.15 9.55
CA VAL A 69 -5.29 15.63 9.77
C VAL A 69 -4.98 15.89 11.25
N GLY A 70 -5.74 15.27 12.16
CA GLY A 70 -5.61 15.49 13.61
C GLY A 70 -4.20 15.22 14.08
N ALA A 71 -3.71 14.00 13.79
CA ALA A 71 -2.37 13.51 14.20
C ALA A 71 -1.28 14.48 13.73
N ILE A 72 -1.26 14.82 12.44
CA ILE A 72 -0.20 15.71 11.90
C ILE A 72 -0.36 17.11 12.50
N SER A 73 -1.60 17.61 12.62
CA SER A 73 -1.90 18.96 13.14
C SER A 73 -1.39 19.09 14.59
N ALA A 74 -1.59 18.04 15.40
CA ALA A 74 -1.22 17.97 16.82
C ALA A 74 0.30 17.96 16.98
N MET A 75 1.08 17.58 15.97
CA MET A 75 2.57 17.63 16.06
C MET A 75 3.04 19.09 15.93
N GLY A 76 2.20 20.03 15.56
CA GLY A 76 2.58 21.47 15.57
C GLY A 76 3.35 21.91 14.35
N VAL A 77 3.24 21.18 13.23
CA VAL A 77 4.14 21.34 12.06
C VAL A 77 3.40 21.89 10.82
N LEU A 78 2.10 22.12 10.90
CA LEU A 78 1.27 22.53 9.75
C LEU A 78 0.97 24.02 9.87
N GLU A 79 0.95 24.68 8.72
CA GLU A 79 0.66 26.14 8.64
C GLU A 79 -0.86 26.30 8.67
N PRO A 80 -1.37 27.31 9.42
CA PRO A 80 -2.78 27.69 9.35
C PRO A 80 -3.15 28.06 7.89
N VAL A 81 -4.29 27.56 7.41
CA VAL A 81 -4.85 27.86 6.07
C VAL A 81 -6.32 28.37 6.16
N ASP A 82 -6.71 29.00 7.29
CA ASP A 82 -8.01 29.73 7.45
C ASP A 82 -8.18 30.68 6.24
N ASP A 83 -7.10 31.35 5.86
CA ASP A 83 -7.09 32.37 4.77
C ASP A 83 -7.45 31.71 3.43
N VAL A 84 -6.81 30.59 3.13
CA VAL A 84 -7.10 29.83 1.86
C VAL A 84 -8.58 29.44 1.88
N LEU A 85 -9.05 28.89 2.98
CA LEU A 85 -10.44 28.37 3.04
C LEU A 85 -11.46 29.52 2.85
N GLU A 86 -11.20 30.70 3.42
CA GLU A 86 -12.08 31.87 3.20
C GLU A 86 -12.05 32.27 1.72
N ALA A 87 -10.90 32.29 1.09
CA ALA A 87 -10.82 32.73 -0.34
C ALA A 87 -11.57 31.72 -1.21
N LEU A 88 -11.75 30.48 -0.77
CA LEU A 88 -12.49 29.44 -1.52
C LEU A 88 -14.00 29.47 -1.20
N GLY A 89 -14.42 30.31 -0.23
CA GLY A 89 -15.83 30.58 0.09
C GLY A 89 -16.20 30.21 1.53
N GLY A 90 -15.24 29.74 2.31
CA GLY A 90 -15.38 29.48 3.76
C GLY A 90 -16.15 28.21 4.02
N GLU A 91 -16.56 28.02 5.27
CA GLU A 91 -17.21 26.79 5.81
C GLU A 91 -18.36 26.32 4.91
N LYS A 92 -19.18 27.24 4.39
CA LYS A 92 -20.44 26.82 3.71
C LYS A 92 -20.15 26.49 2.25
N ALA A 93 -18.87 26.47 1.82
CA ALA A 93 -18.45 26.02 0.48
C ALA A 93 -18.33 24.50 0.46
N TYR A 94 -18.42 23.87 1.62
CA TYR A 94 -18.18 22.41 1.82
C TYR A 94 -19.30 21.75 2.60
N LEU A 95 -19.49 20.46 2.35
CA LEU A 95 -20.30 19.61 3.24
C LEU A 95 -19.70 19.73 4.64
N PRO A 96 -20.55 19.80 5.69
CA PRO A 96 -20.11 19.72 7.08
C PRO A 96 -19.11 18.62 7.40
N ALA A 97 -19.31 17.42 6.85
CA ALA A 97 -18.41 16.28 7.10
C ALA A 97 -17.03 16.53 6.51
N VAL A 98 -16.96 17.23 5.36
CA VAL A 98 -15.66 17.57 4.71
C VAL A 98 -14.98 18.68 5.51
N TRP A 99 -15.73 19.69 5.91
CA TRP A 99 -15.20 20.83 6.71
C TRP A 99 -14.60 20.34 8.01
N ARG A 100 -15.15 19.28 8.60
CA ARG A 100 -14.65 18.74 9.90
C ARG A 100 -13.19 18.27 9.71
N THR A 101 -12.80 17.90 8.48
CA THR A 101 -11.46 17.33 8.19
C THR A 101 -10.43 18.46 7.95
N THR A 102 -10.79 19.73 8.12
CA THR A 102 -9.85 20.87 7.83
C THR A 102 -9.01 21.21 9.06
N ARG A 103 -9.25 20.57 10.21
CA ARG A 103 -8.60 20.94 11.49
C ARG A 103 -8.58 19.73 12.42
N LEU A 104 -7.64 19.69 13.36
CA LEU A 104 -7.73 18.91 14.63
C LEU A 104 -9.07 19.23 15.30
N GLU A 105 -9.80 18.20 15.73
CA GLU A 105 -11.09 18.37 16.44
C GLU A 105 -10.90 19.32 17.62
N GLY A 106 -11.77 20.33 17.69
CA GLY A 106 -11.81 21.43 18.68
C GLY A 106 -10.82 22.55 18.37
N ALA A 107 -9.93 22.43 17.39
CA ALA A 107 -8.82 23.40 17.23
C ALA A 107 -9.35 24.71 16.63
N ARG A 108 -8.72 25.81 17.02
CA ARG A 108 -9.06 27.18 16.57
C ARG A 108 -8.80 27.41 15.09
N GLN A 109 -7.66 26.99 14.55
CA GLN A 109 -7.23 27.31 13.15
C GLN A 109 -7.34 26.05 12.29
N ALA A 110 -7.67 26.21 11.02
CA ALA A 110 -7.64 25.16 9.98
C ALA A 110 -6.18 24.83 9.64
N THR A 111 -5.84 23.56 9.45
CA THR A 111 -4.47 23.13 9.05
C THR A 111 -4.51 22.34 7.73
N ALA A 112 -5.68 22.20 7.11
CA ALA A 112 -5.75 21.41 5.84
C ALA A 112 -6.84 21.92 4.93
N VAL A 113 -6.59 21.85 3.62
CA VAL A 113 -7.53 22.32 2.58
C VAL A 113 -8.15 21.10 1.93
N PRO A 114 -9.49 20.98 1.87
CA PRO A 114 -10.11 19.83 1.22
C PRO A 114 -9.72 19.74 -0.25
N TRP A 115 -9.33 18.53 -0.68
CA TRP A 115 -8.89 18.28 -2.07
C TRP A 115 -9.95 17.48 -2.83
N PHE A 116 -10.31 16.27 -2.38
CA PHE A 116 -11.33 15.42 -3.06
C PHE A 116 -11.91 14.44 -2.04
N SER A 117 -13.09 13.94 -2.31
CA SER A 117 -13.87 13.10 -1.39
C SER A 117 -14.01 11.71 -2.00
N ALA A 118 -13.74 10.70 -1.19
CA ALA A 118 -14.03 9.28 -1.42
C ALA A 118 -15.30 9.01 -0.64
N LEU A 119 -16.35 8.58 -1.29
CA LEU A 119 -17.62 8.24 -0.59
C LEU A 119 -18.12 6.92 -1.18
N ARG A 120 -18.91 6.17 -0.40
CA ARG A 120 -19.39 4.84 -0.76
C ARG A 120 -20.89 4.92 -0.96
N ALA A 121 -21.34 4.37 -2.07
CA ALA A 121 -22.74 4.01 -2.32
C ALA A 121 -22.79 2.59 -2.88
N PHE A 122 -24.00 2.05 -3.01
CA PHE A 122 -24.18 0.65 -3.44
C PHE A 122 -24.29 0.68 -4.95
N TYR A 123 -23.38 -0.06 -5.59
CA TYR A 123 -23.54 -0.48 -7.02
C TYR A 123 -24.45 -1.71 -7.00
N TYR A 124 -25.28 -1.87 -8.04
CA TYR A 124 -26.11 -3.07 -8.20
C TYR A 124 -26.29 -3.39 -9.69
N ARG A 125 -26.46 -4.69 -9.95
CA ARG A 125 -26.73 -5.25 -11.29
C ARG A 125 -28.23 -5.03 -11.55
N THR A 126 -28.56 -4.11 -12.43
CA THR A 126 -29.94 -3.82 -12.82
C THR A 126 -30.59 -5.09 -13.38
N ASP A 127 -29.83 -5.92 -14.12
CA ASP A 127 -30.37 -7.16 -14.74
C ASP A 127 -30.71 -8.17 -13.65
N ALA A 128 -29.88 -8.29 -12.61
CA ALA A 128 -30.04 -9.26 -11.51
C ALA A 128 -31.21 -8.87 -10.65
N LEU A 129 -31.29 -7.60 -10.23
CA LEU A 129 -32.51 -7.17 -9.47
C LEU A 129 -33.77 -7.39 -10.32
N LYS A 130 -33.77 -6.98 -11.60
CA LYS A 130 -34.95 -7.21 -12.47
C LYS A 130 -35.33 -8.68 -12.36
N ALA A 131 -34.41 -9.59 -12.67
CA ALA A 131 -34.71 -11.04 -12.76
C ALA A 131 -35.20 -11.61 -11.41
N ALA A 132 -34.81 -11.03 -10.27
CA ALA A 132 -35.20 -11.52 -8.93
C ALA A 132 -36.52 -10.89 -8.48
N GLY A 133 -37.08 -10.01 -9.32
CA GLY A 133 -38.29 -9.22 -9.02
C GLY A 133 -38.10 -8.28 -7.84
N VAL A 134 -36.91 -7.68 -7.73
CA VAL A 134 -36.56 -6.69 -6.66
C VAL A 134 -36.65 -5.28 -7.25
N ASN A 135 -37.48 -4.46 -6.63
CA ASN A 135 -37.60 -3.03 -7.00
C ASN A 135 -36.43 -2.34 -6.31
N PRO A 136 -35.50 -1.66 -7.03
CA PRO A 136 -34.37 -0.98 -6.39
C PRO A 136 -34.71 0.15 -5.40
N ALA A 137 -35.78 0.92 -5.67
CA ALA A 137 -36.28 1.97 -4.76
C ALA A 137 -36.56 1.36 -3.38
N GLU A 138 -37.31 0.27 -3.31
CA GLU A 138 -37.63 -0.39 -2.01
C GLU A 138 -36.39 -1.05 -1.39
N MET A 139 -35.51 -1.63 -2.21
CA MET A 139 -34.34 -2.35 -1.65
C MET A 139 -33.45 -1.35 -0.91
N PHE A 140 -33.39 -0.10 -1.39
CA PHE A 140 -32.47 0.92 -0.86
C PHE A 140 -33.27 1.97 -0.05
N ALA A 141 -34.51 1.71 0.40
CA ALA A 141 -35.30 2.72 1.16
C ALA A 141 -35.27 2.44 2.69
N SER A 142 -34.94 1.22 3.09
CA SER A 142 -34.90 0.82 4.50
C SER A 142 -34.00 -0.41 4.60
N TRP A 143 -33.62 -0.72 5.83
CA TRP A 143 -32.85 -1.94 6.14
C TRP A 143 -33.69 -3.19 5.89
N GLN A 144 -34.95 -3.18 6.29
CA GLN A 144 -35.93 -4.27 6.07
C GLN A 144 -36.00 -4.56 4.56
N GLY A 145 -36.11 -3.48 3.77
CA GLY A 145 -36.16 -3.56 2.30
C GLY A 145 -34.84 -4.10 1.77
N PHE A 146 -33.71 -3.65 2.32
CA PHE A 146 -32.37 -4.09 1.90
C PHE A 146 -32.26 -5.61 2.08
N GLU A 147 -32.63 -6.09 3.27
CA GLU A 147 -32.58 -7.54 3.59
C GLU A 147 -33.62 -8.32 2.76
N ALA A 148 -34.86 -7.82 2.59
CA ALA A 148 -35.88 -8.49 1.75
C ALA A 148 -35.34 -8.62 0.32
N GLY A 149 -34.67 -7.56 -0.16
CA GLY A 149 -33.99 -7.54 -1.48
C GLY A 149 -32.97 -8.64 -1.58
N LEU A 150 -32.09 -8.78 -0.59
CA LEU A 150 -31.05 -9.84 -0.57
C LEU A 150 -31.74 -11.23 -0.50
N ALA A 151 -32.93 -11.35 0.07
CA ALA A 151 -33.57 -12.69 0.20
C ALA A 151 -34.07 -13.08 -1.20
N ARG A 152 -34.59 -12.10 -1.95
CA ARG A 152 -35.08 -12.38 -3.34
C ARG A 152 -33.87 -12.63 -4.25
N LEU A 153 -32.77 -11.90 -4.08
CA LEU A 153 -31.54 -12.16 -4.85
C LEU A 153 -30.95 -13.53 -4.47
N LYS A 154 -31.02 -13.97 -3.21
CA LYS A 154 -30.54 -15.34 -2.86
C LYS A 154 -31.40 -16.41 -3.55
N ALA A 155 -32.72 -16.26 -3.61
CA ALA A 155 -33.68 -17.27 -4.11
C ALA A 155 -33.64 -17.31 -5.64
N SER A 156 -33.17 -16.23 -6.27
CA SER A 156 -33.30 -16.03 -7.74
C SER A 156 -32.58 -17.13 -8.52
N SER A 157 -33.10 -17.50 -9.68
CA SER A 157 -32.44 -18.45 -10.61
C SER A 157 -31.56 -17.70 -11.62
N PHE A 158 -31.46 -16.38 -11.53
CA PHE A 158 -30.64 -15.60 -12.49
C PHE A 158 -29.21 -16.14 -12.55
N ARG A 159 -28.70 -16.35 -13.76
CA ARG A 159 -27.28 -16.68 -14.00
C ARG A 159 -26.66 -15.51 -14.76
N ASP A 160 -25.44 -15.11 -14.43
CA ASP A 160 -24.70 -14.07 -15.19
C ASP A 160 -24.47 -14.59 -16.61
N PRO A 161 -24.78 -13.80 -17.67
CA PRO A 161 -24.55 -14.27 -19.06
C PRO A 161 -23.15 -14.82 -19.37
N GLU A 162 -22.12 -14.33 -18.70
CA GLU A 162 -20.71 -14.75 -18.98
C GLU A 162 -20.34 -15.89 -18.03
N THR A 163 -20.61 -15.78 -16.74
CA THR A 163 -20.12 -16.82 -15.78
C THR A 163 -21.04 -18.03 -15.90
N LYS A 164 -22.30 -17.82 -16.30
CA LYS A 164 -23.36 -18.86 -16.32
C LYS A 164 -23.56 -19.45 -14.93
N ALA A 165 -23.20 -18.68 -13.89
CA ALA A 165 -23.31 -19.08 -12.48
C ALA A 165 -24.12 -18.02 -11.73
N PRO A 166 -24.72 -18.38 -10.55
CA PRO A 166 -25.42 -17.41 -9.72
C PRO A 166 -24.54 -16.21 -9.36
N LEU A 167 -25.18 -15.08 -9.06
CA LEU A 167 -24.54 -13.91 -8.41
C LEU A 167 -24.76 -14.06 -6.89
N ALA A 168 -23.69 -13.88 -6.11
CA ALA A 168 -23.80 -13.55 -4.67
C ALA A 168 -24.71 -12.35 -4.49
N PRO A 169 -25.73 -12.39 -3.59
CA PRO A 169 -26.53 -11.20 -3.29
C PRO A 169 -25.76 -9.93 -2.94
N LEU A 170 -24.90 -10.01 -1.92
CA LEU A 170 -24.05 -8.89 -1.42
C LEU A 170 -22.58 -9.35 -1.40
N CYS A 171 -21.67 -8.59 -2.00
CA CYS A 171 -20.21 -8.74 -1.78
C CYS A 171 -19.71 -7.60 -0.89
N THR A 172 -18.97 -7.97 0.16
CA THR A 172 -18.26 -7.03 1.07
C THR A 172 -17.04 -7.73 1.64
N PRO A 173 -15.91 -7.04 1.83
CA PRO A 173 -14.84 -7.55 2.66
C PRO A 173 -15.37 -7.72 4.09
N GLY A 174 -14.65 -8.54 4.87
CA GLY A 174 -14.77 -8.67 6.33
C GLY A 174 -13.62 -7.93 6.98
N LYS A 175 -12.68 -8.67 7.56
CA LYS A 175 -11.52 -8.13 8.30
C LYS A 175 -10.25 -7.95 7.44
N ASN A 176 -10.11 -8.60 6.28
CA ASN A 176 -8.84 -8.57 5.49
C ASN A 176 -8.88 -7.43 4.46
N SER A 177 -9.02 -6.21 4.91
CA SER A 177 -9.11 -5.01 4.03
C SER A 177 -8.63 -3.84 4.86
N TRP A 178 -8.16 -2.80 4.22
CA TRP A 178 -7.71 -1.57 4.91
C TRP A 178 -8.95 -0.84 5.47
N ASP A 179 -10.14 -1.07 4.96
CA ASP A 179 -11.33 -0.24 5.28
C ASP A 179 -12.37 -0.99 6.13
N VAL A 180 -11.96 -1.87 7.03
CA VAL A 180 -12.88 -2.65 7.91
C VAL A 180 -13.84 -1.70 8.61
N LEU A 181 -13.31 -0.66 9.27
CA LEU A 181 -14.15 0.27 10.06
C LEU A 181 -15.05 1.10 9.11
N HIS A 182 -14.54 1.49 7.95
CA HIS A 182 -15.31 2.31 6.97
C HIS A 182 -16.52 1.54 6.45
N ASN A 183 -16.40 0.23 6.27
CA ASN A 183 -17.48 -0.65 5.74
C ASN A 183 -18.64 -0.72 6.75
N ALA A 184 -18.32 -0.68 8.04
CA ALA A 184 -19.25 -0.84 9.17
C ALA A 184 -19.86 0.52 9.54
N ALA A 185 -19.10 1.62 9.39
CA ALA A 185 -19.48 2.96 9.87
C ALA A 185 -20.91 3.33 9.51
N PRO A 186 -21.32 3.23 8.22
CA PRO A 186 -22.69 3.60 7.82
C PRO A 186 -23.76 2.85 8.61
N TRP A 187 -23.47 1.60 8.98
CA TRP A 187 -24.46 0.76 9.71
C TRP A 187 -24.49 1.23 11.18
N ILE A 188 -23.33 1.54 11.72
CA ILE A 188 -23.21 2.04 13.12
C ILE A 188 -23.99 3.34 13.22
N TRP A 189 -23.72 4.26 12.28
CA TRP A 189 -24.38 5.59 12.22
C TRP A 189 -25.88 5.47 11.97
N GLY A 190 -26.28 4.68 11.01
CA GLY A 190 -27.69 4.50 10.62
C GLY A 190 -28.55 3.95 11.75
N ALA A 191 -27.99 3.15 12.67
CA ALA A 191 -28.72 2.62 13.85
C ALA A 191 -28.75 3.67 14.95
N GLY A 192 -28.03 4.80 14.79
CA GLY A 192 -28.07 5.92 15.72
C GLY A 192 -26.83 5.95 16.59
N GLY A 193 -25.85 5.11 16.30
CA GLY A 193 -24.63 5.01 17.11
C GLY A 193 -23.50 5.85 16.58
N GLU A 194 -22.27 5.56 17.03
CA GLU A 194 -21.04 6.25 16.61
C GLU A 194 -19.86 5.44 17.13
N ILE A 195 -18.66 5.66 16.58
CA ILE A 195 -17.43 4.96 17.05
C ILE A 195 -16.98 5.61 18.38
N VAL A 196 -16.90 6.94 18.46
CA VAL A 196 -16.48 7.68 19.69
C VAL A 196 -17.53 8.73 20.06
N ARG A 197 -17.58 9.07 21.36
CA ARG A 197 -18.56 9.98 21.98
C ARG A 197 -17.76 10.95 22.86
N GLN A 198 -18.19 12.21 22.94
CA GLN A 198 -17.83 13.13 24.06
C GLN A 198 -18.76 12.87 25.26
N ALA A 199 -18.15 12.68 26.45
CA ALA A 199 -18.86 12.58 27.75
C ALA A 199 -17.90 12.96 28.86
N GLY A 200 -18.37 13.65 29.92
CA GLY A 200 -17.51 14.35 30.88
C GLY A 200 -16.34 15.05 30.21
N GLY A 201 -16.53 15.64 29.02
CA GLY A 201 -15.56 16.54 28.37
C GLY A 201 -14.38 15.83 27.72
N ARG A 202 -14.40 14.51 27.55
CA ARG A 202 -13.31 13.76 26.89
C ARG A 202 -13.89 12.69 25.93
N TRP A 203 -13.08 12.19 25.01
CA TRP A 203 -13.60 11.24 24.01
C TRP A 203 -13.47 9.83 24.59
N GLN A 204 -14.51 9.03 24.39
CA GLN A 204 -14.61 7.61 24.80
C GLN A 204 -15.15 6.82 23.60
N SER A 205 -14.83 5.52 23.57
CA SER A 205 -15.44 4.52 22.67
C SER A 205 -16.95 4.56 22.86
N ALA A 206 -17.68 4.49 21.76
CA ALA A 206 -19.16 4.31 21.79
C ALA A 206 -19.52 3.08 20.98
N LEU A 207 -18.52 2.26 20.63
CA LEU A 207 -18.72 1.04 19.81
C LEU A 207 -19.56 0.04 20.58
N ASN A 208 -19.55 0.08 21.91
CA ASN A 208 -20.37 -0.84 22.75
C ASN A 208 -21.70 -0.15 23.11
N SER A 209 -22.05 0.99 22.52
CA SER A 209 -23.36 1.62 22.79
C SER A 209 -24.46 0.70 22.27
N PRO A 210 -25.68 0.76 22.84
CA PRO A 210 -26.80 -0.01 22.31
C PRO A 210 -26.96 0.15 20.79
N GLU A 211 -26.90 1.38 20.29
CA GLU A 211 -27.24 1.66 18.87
CA GLU A 211 -27.24 1.66 18.86
C GLU A 211 -26.11 1.15 17.99
N SER A 212 -24.87 1.40 18.38
CA SER A 212 -23.66 0.95 17.65
C SER A 212 -23.75 -0.56 17.48
N LEU A 213 -24.07 -1.29 18.55
CA LEU A 213 -24.15 -2.79 18.49
C LEU A 213 -25.26 -3.25 17.54
N GLU A 214 -26.41 -2.56 17.51
CA GLU A 214 -27.56 -2.93 16.64
C GLU A 214 -27.14 -2.79 15.17
N GLY A 215 -26.51 -1.66 14.81
CA GLY A 215 -26.08 -1.42 13.41
C GLY A 215 -25.01 -2.43 13.03
N LEU A 216 -24.03 -2.67 13.90
CA LEU A 216 -22.97 -3.67 13.66
C LEU A 216 -23.58 -5.05 13.45
N TYR A 217 -24.46 -5.47 14.37
CA TYR A 217 -25.02 -6.84 14.28
C TYR A 217 -25.84 -6.97 12.99
N PHE A 218 -26.58 -5.93 12.59
CA PHE A 218 -27.40 -5.96 11.38
C PHE A 218 -26.49 -6.26 10.17
N PHE A 219 -25.41 -5.49 10.03
CA PHE A 219 -24.45 -5.61 8.90
C PHE A 219 -23.74 -6.97 8.87
N LEU A 220 -23.08 -7.30 9.97
CA LEU A 220 -22.33 -8.57 10.12
C LEU A 220 -23.25 -9.76 9.94
N SER A 221 -24.50 -9.70 10.38
CA SER A 221 -25.37 -10.90 10.34
C SER A 221 -25.83 -11.17 8.91
N LEU A 222 -25.75 -10.19 7.99
CA LEU A 222 -26.08 -10.43 6.56
C LEU A 222 -25.15 -11.51 6.04
N ALA A 223 -23.87 -11.44 6.43
CA ALA A 223 -22.86 -12.44 6.03
C ALA A 223 -23.23 -13.80 6.64
N GLN A 224 -23.72 -13.81 7.86
CA GLN A 224 -24.04 -15.07 8.59
C GLN A 224 -25.35 -15.70 8.04
N LYS A 225 -26.20 -14.99 7.29
CA LYS A 225 -27.52 -15.47 6.78
C LYS A 225 -27.41 -15.96 5.34
N GLY A 226 -26.21 -15.94 4.79
CA GLY A 226 -25.94 -16.58 3.49
C GLY A 226 -25.87 -15.60 2.35
N TYR A 227 -25.91 -14.30 2.61
CA TYR A 227 -26.05 -13.25 1.57
C TYR A 227 -24.68 -12.86 1.02
N VAL A 228 -23.63 -13.11 1.79
CA VAL A 228 -22.23 -12.75 1.41
C VAL A 228 -21.43 -14.03 1.22
N PRO A 229 -20.73 -14.25 0.08
CA PRO A 229 -19.91 -15.45 -0.08
C PRO A 229 -18.84 -15.53 1.01
N ALA A 230 -18.61 -16.72 1.55
CA ALA A 230 -17.48 -17.01 2.46
C ALA A 230 -16.18 -16.46 1.85
N GLU A 231 -16.01 -16.57 0.53
CA GLU A 231 -14.76 -16.14 -0.19
C GLU A 231 -14.60 -14.62 -0.07
N SER A 232 -15.70 -13.86 -0.01
CA SER A 232 -15.69 -12.38 0.14
C SER A 232 -14.96 -12.01 1.43
N LEU A 233 -15.24 -12.74 2.51
CA LEU A 233 -14.72 -12.40 3.86
C LEU A 233 -13.20 -12.58 3.92
N GLU A 234 -12.58 -13.31 2.99
CA GLU A 234 -11.10 -13.48 3.00
C GLU A 234 -10.41 -12.39 2.19
N LYS A 235 -11.14 -11.53 1.47
CA LYS A 235 -10.59 -10.66 0.40
C LYS A 235 -10.66 -9.18 0.78
N ASN A 236 -9.92 -8.33 0.08
CA ASN A 236 -9.93 -6.86 0.28
C ASN A 236 -10.94 -6.18 -0.70
N THR A 237 -11.12 -4.87 -0.54
CA THR A 237 -12.03 -4.04 -1.34
C THR A 237 -11.68 -4.13 -2.84
N ALA A 238 -10.41 -4.05 -3.24
CA ALA A 238 -9.95 -4.12 -4.65
C ALA A 238 -10.38 -5.45 -5.25
N GLN A 239 -10.23 -6.55 -4.52
CA GLN A 239 -10.58 -7.92 -4.98
C GLN A 239 -12.10 -8.00 -5.15
N ILE A 240 -12.87 -7.46 -4.21
CA ILE A 240 -14.36 -7.45 -4.27
C ILE A 240 -14.74 -6.63 -5.52
N GLU A 241 -14.12 -5.47 -5.76
CA GLU A 241 -14.31 -4.69 -7.01
C GLU A 241 -14.15 -5.58 -8.24
N ALA A 242 -13.06 -6.34 -8.32
CA ALA A 242 -12.75 -7.26 -9.43
C ALA A 242 -13.85 -8.30 -9.56
N ASP A 243 -14.31 -8.89 -8.43
CA ASP A 243 -15.40 -9.89 -8.41
C ASP A 243 -16.69 -9.31 -9.00
N PHE A 244 -17.06 -8.08 -8.60
CA PHE A 244 -18.27 -7.41 -9.12
C PHE A 244 -18.09 -7.21 -10.63
N GLN A 245 -16.89 -6.86 -11.06
CA GLN A 245 -16.67 -6.55 -12.50
C GLN A 245 -16.84 -7.88 -13.26
N ALA A 246 -16.40 -8.99 -12.66
CA ALA A 246 -16.37 -10.29 -13.35
C ALA A 246 -17.73 -10.99 -13.18
N GLY A 247 -18.75 -10.29 -12.66
CA GLY A 247 -20.14 -10.81 -12.65
C GLY A 247 -20.44 -11.78 -11.53
N LYS A 248 -19.74 -11.69 -10.39
CA LYS A 248 -19.94 -12.65 -9.27
C LYS A 248 -20.84 -12.05 -8.17
N CYS A 249 -21.14 -10.74 -8.22
CA CYS A 249 -21.88 -9.99 -7.14
C CYS A 249 -23.01 -9.13 -7.71
N ALA A 250 -24.20 -9.22 -7.12
CA ALA A 250 -25.37 -8.43 -7.51
C ALA A 250 -25.24 -7.02 -6.93
N VAL A 251 -24.69 -6.89 -5.73
CA VAL A 251 -24.67 -5.63 -4.94
C VAL A 251 -23.33 -5.50 -4.21
N PHE A 252 -22.72 -4.30 -4.25
CA PHE A 252 -21.54 -4.02 -3.43
C PHE A 252 -21.28 -2.52 -3.37
N ALA A 253 -20.74 -2.09 -2.21
CA ALA A 253 -20.47 -0.66 -1.89
C ALA A 253 -19.10 -0.28 -2.47
N SER A 254 -19.03 0.83 -3.19
CA SER A 254 -17.73 1.39 -3.62
C SER A 254 -17.89 2.86 -3.98
N GLY A 255 -16.82 3.46 -4.46
CA GLY A 255 -16.75 4.89 -4.77
C GLY A 255 -17.12 5.18 -6.21
N PRO A 256 -17.07 6.47 -6.62
CA PRO A 256 -17.49 6.90 -7.96
C PRO A 256 -16.59 6.40 -9.10
N TRP A 257 -15.35 5.99 -8.78
CA TRP A 257 -14.32 5.58 -9.77
C TRP A 257 -14.79 4.38 -10.62
N MET A 258 -15.68 3.54 -10.09
CA MET A 258 -16.19 2.37 -10.85
C MET A 258 -16.92 2.86 -12.12
N ILE A 259 -17.54 4.03 -12.08
CA ILE A 259 -18.34 4.58 -13.22
C ILE A 259 -17.40 4.81 -14.40
N GLN A 260 -16.23 5.43 -14.15
CA GLN A 260 -15.21 5.60 -15.21
C GLN A 260 -14.66 4.25 -15.67
N ARG A 261 -14.41 3.32 -14.75
CA ARG A 261 -13.80 2.01 -15.13
C ARG A 261 -14.74 1.22 -16.04
N ALA A 262 -16.06 1.43 -15.93
CA ALA A 262 -17.12 0.73 -16.70
C ALA A 262 -17.02 1.14 -18.16
N GLN A 263 -16.37 2.28 -18.43
CA GLN A 263 -16.23 2.91 -19.78
C GLN A 263 -14.88 2.52 -20.41
N VAL A 264 -13.93 1.97 -19.64
CA VAL A 264 -12.53 1.71 -20.07
C VAL A 264 -12.39 0.26 -20.51
N PRO A 265 -11.74 -0.03 -21.64
CA PRO A 265 -11.57 -1.41 -22.09
C PRO A 265 -10.79 -2.27 -21.08
N GLU A 266 -11.12 -3.57 -20.99
CA GLU A 266 -10.40 -4.55 -20.12
C GLU A 266 -8.90 -4.46 -20.40
N ALA A 267 -8.55 -4.35 -21.69
CA ALA A 267 -7.19 -4.14 -22.22
C ALA A 267 -6.44 -3.07 -21.40
N LYS A 268 -7.11 -1.99 -20.97
CA LYS A 268 -6.47 -0.82 -20.32
C LYS A 268 -6.87 -0.74 -18.84
N GLY A 269 -7.35 -1.83 -18.24
CA GLY A 269 -7.64 -1.93 -16.79
C GLY A 269 -9.04 -1.47 -16.37
N GLY A 270 -9.99 -1.41 -17.30
CA GLY A 270 -11.42 -1.11 -17.05
C GLY A 270 -12.23 -2.39 -17.19
N PHE A 271 -13.56 -2.34 -17.28
CA PHE A 271 -14.38 -3.57 -17.49
C PHE A 271 -15.50 -3.32 -18.50
N ALA A 272 -15.28 -2.49 -19.51
CA ALA A 272 -16.29 -2.10 -20.55
C ALA A 272 -16.99 -3.32 -21.17
N GLU A 273 -16.30 -4.43 -21.39
CA GLU A 273 -16.87 -5.61 -22.14
C GLU A 273 -17.70 -6.50 -21.20
N ARG A 274 -17.58 -6.33 -19.87
CA ARG A 274 -18.29 -7.19 -18.90
C ARG A 274 -19.76 -6.78 -18.86
N THR A 275 -20.62 -7.76 -18.61
CA THR A 275 -22.08 -7.57 -18.45
C THR A 275 -22.36 -6.53 -17.38
N ALA A 276 -21.56 -6.48 -16.30
CA ALA A 276 -21.75 -5.56 -15.17
C ALA A 276 -21.70 -4.10 -15.66
N ALA A 277 -20.82 -3.77 -16.60
CA ALA A 277 -20.62 -2.39 -17.11
C ALA A 277 -21.91 -1.84 -17.75
N LYS A 278 -22.71 -2.69 -18.38
CA LYS A 278 -23.88 -2.25 -19.19
C LYS A 278 -25.18 -2.48 -18.40
N ASN A 279 -25.08 -2.88 -17.12
CA ASN A 279 -26.22 -3.20 -16.24
C ASN A 279 -25.88 -2.62 -14.86
N LEU A 280 -25.35 -1.40 -14.87
CA LEU A 280 -24.80 -0.72 -13.66
C LEU A 280 -25.87 0.23 -13.09
N GLY A 281 -26.34 -0.02 -11.87
CA GLY A 281 -27.16 0.93 -11.09
C GLY A 281 -26.44 1.38 -9.85
N VAL A 282 -26.81 2.54 -9.31
CA VAL A 282 -26.24 3.09 -8.06
C VAL A 282 -27.40 3.58 -7.19
N ALA A 283 -27.28 3.36 -5.89
CA ALA A 283 -28.21 3.87 -4.85
C ALA A 283 -27.39 4.24 -3.63
N PRO A 284 -27.74 5.31 -2.91
CA PRO A 284 -27.10 5.59 -1.62
C PRO A 284 -27.35 4.42 -0.66
N TYR A 285 -26.51 4.30 0.38
CA TYR A 285 -26.83 3.43 1.54
C TYR A 285 -28.30 3.64 1.98
N PRO A 286 -29.03 2.56 2.32
CA PRO A 286 -30.43 2.64 2.68
C PRO A 286 -30.64 3.39 4.00
N ALA A 287 -31.76 4.09 4.14
CA ALA A 287 -32.10 4.80 5.37
C ALA A 287 -32.15 3.78 6.50
N GLY A 288 -31.43 4.06 7.59
CA GLY A 288 -31.48 3.28 8.81
C GLY A 288 -32.66 3.72 9.65
N PRO A 289 -32.94 3.02 10.77
CA PRO A 289 -34.05 3.41 11.65
C PRO A 289 -33.79 4.72 12.43
N LYS A 290 -32.52 5.17 12.50
CA LYS A 290 -32.19 6.39 13.32
C LYS A 290 -31.29 7.32 12.51
N GLY A 291 -31.44 7.31 11.20
CA GLY A 291 -30.69 8.22 10.34
C GLY A 291 -30.26 7.50 9.08
N ARG A 292 -29.66 8.29 8.21
CA ARG A 292 -29.10 7.79 6.93
C ARG A 292 -27.78 8.50 6.69
N TYR A 293 -26.71 7.74 6.48
CA TYR A 293 -25.32 8.24 6.48
C TYR A 293 -24.53 7.56 5.40
N THR A 294 -23.71 8.37 4.74
CA THR A 294 -22.72 7.96 3.72
C THR A 294 -21.34 8.18 4.30
N PHE A 295 -20.50 7.15 4.30
CA PHE A 295 -19.10 7.26 4.73
C PHE A 295 -18.36 8.17 3.75
N PHE A 296 -17.71 9.21 4.29
CA PHE A 296 -16.75 10.06 3.54
C PHE A 296 -15.31 9.79 4.01
N GLY A 297 -14.41 9.63 3.03
CA GLY A 297 -12.97 9.87 3.20
C GLY A 297 -12.39 10.72 2.07
N GLY A 298 -11.20 10.33 1.67
CA GLY A 298 -10.42 10.96 0.60
C GLY A 298 -9.31 11.78 1.22
N SER A 299 -8.90 12.84 0.56
CA SER A 299 -7.64 13.50 0.92
C SER A 299 -7.76 15.00 0.91
N ASN A 300 -6.93 15.62 1.72
CA ASN A 300 -6.77 17.08 1.87
C ASN A 300 -5.34 17.42 1.49
N LEU A 301 -5.06 18.72 1.38
CA LEU A 301 -3.68 19.23 1.22
C LEU A 301 -3.28 20.07 2.44
N ALA A 302 -2.01 19.97 2.84
CA ALA A 302 -1.47 20.74 3.99
C ALA A 302 -0.12 21.37 3.64
N LEU A 303 0.30 22.34 4.43
CA LEU A 303 1.50 23.19 4.17
C LEU A 303 2.36 23.08 5.41
N PHE A 304 3.57 22.55 5.28
CA PHE A 304 4.53 22.46 6.41
C PHE A 304 4.93 23.88 6.76
N ASN A 305 4.97 24.15 8.07
CA ASN A 305 5.30 25.49 8.61
C ASN A 305 6.79 25.78 8.43
N PHE A 306 7.61 24.83 7.94
CA PHE A 306 9.04 25.10 7.59
C PHE A 306 9.19 25.49 6.10
N SER A 307 8.12 25.43 5.29
CA SER A 307 8.21 25.85 3.86
C SER A 307 8.82 27.26 3.82
N LYS A 308 9.70 27.53 2.85
CA LYS A 308 10.25 28.88 2.64
C LYS A 308 9.43 29.59 1.56
N ASN A 309 8.30 29.02 1.18
CA ASN A 309 7.53 29.43 -0.02
C ASN A 309 6.03 29.50 0.32
N LYS A 310 5.70 29.98 1.51
CA LYS A 310 4.32 29.93 2.04
C LYS A 310 3.36 30.70 1.15
N PRO A 311 3.64 31.95 0.73
CA PRO A 311 2.73 32.66 -0.17
C PRO A 311 2.45 31.92 -1.49
N LEU A 312 3.48 31.40 -2.18
CA LEU A 312 3.25 30.62 -3.42
C LEU A 312 2.53 29.30 -3.12
N ALA A 313 2.86 28.61 -2.06
CA ALA A 313 2.18 27.35 -1.65
C ALA A 313 0.71 27.61 -1.37
N LYS A 314 0.38 28.73 -0.71
CA LYS A 314 -1.02 29.07 -0.39
C LYS A 314 -1.75 29.36 -1.70
N GLU A 315 -1.14 30.08 -2.61
CA GLU A 315 -1.69 30.29 -3.97
C GLU A 315 -1.93 28.91 -4.60
N LEU A 316 -0.98 27.98 -4.54
CA LEU A 316 -1.22 26.65 -5.16
C LEU A 316 -2.36 25.91 -4.42
N LEU A 317 -2.47 26.03 -3.09
CA LEU A 317 -3.59 25.44 -2.30
C LEU A 317 -4.93 26.01 -2.79
N LYS A 318 -5.02 27.33 -3.01
CA LYS A 318 -6.27 27.97 -3.50
C LYS A 318 -6.58 27.42 -4.90
N TYR A 319 -5.55 27.19 -5.71
CA TYR A 319 -5.70 26.72 -7.11
C TYR A 319 -6.28 25.30 -7.09
N LEU A 320 -5.62 24.38 -6.38
CA LEU A 320 -6.00 22.94 -6.29
C LEU A 320 -7.38 22.80 -5.63
N GLY A 321 -7.69 23.63 -4.65
CA GLY A 321 -8.98 23.61 -3.94
C GLY A 321 -10.14 24.29 -4.72
N GLY A 322 -9.81 24.99 -5.80
CA GLY A 322 -10.73 25.90 -6.50
C GLY A 322 -11.43 25.23 -7.68
N PRO A 323 -12.42 25.93 -8.30
CA PRO A 323 -13.33 25.31 -9.28
C PRO A 323 -12.71 24.44 -10.38
N GLU A 324 -11.82 25.01 -11.17
CA GLU A 324 -11.30 24.39 -12.42
C GLU A 324 -10.49 23.15 -12.05
N ALA A 325 -9.57 23.25 -11.10
CA ALA A 325 -8.74 22.10 -10.68
C ALA A 325 -9.62 21.08 -9.97
N GLN A 326 -10.71 21.51 -9.28
CA GLN A 326 -11.63 20.62 -8.53
C GLN A 326 -12.33 19.69 -9.53
N VAL A 327 -12.91 20.27 -10.59
CA VAL A 327 -13.58 19.50 -11.68
C VAL A 327 -12.53 18.59 -12.36
N ARG A 328 -11.40 19.16 -12.76
CA ARG A 328 -10.30 18.46 -13.48
C ARG A 328 -9.80 17.24 -12.69
N TYR A 329 -9.41 17.38 -11.42
CA TYR A 329 -8.80 16.25 -10.65
C TYR A 329 -9.86 15.21 -10.28
N ALA A 330 -11.12 15.62 -10.09
CA ALA A 330 -12.22 14.66 -9.81
C ALA A 330 -12.37 13.72 -11.01
N GLN A 331 -12.36 14.25 -12.23
CA GLN A 331 -12.25 13.53 -13.53
C GLN A 331 -11.06 12.55 -13.44
N MET A 332 -9.84 13.01 -13.15
CA MET A 332 -8.62 12.15 -13.18
C MET A 332 -8.72 11.01 -12.15
N THR A 333 -9.20 11.30 -10.94
CA THR A 333 -9.15 10.40 -9.76
C THR A 333 -10.42 9.55 -9.69
N GLY A 334 -11.49 9.91 -10.42
CA GLY A 334 -12.82 9.26 -10.28
C GLY A 334 -13.48 9.49 -8.92
N MET A 335 -13.15 10.60 -8.25
CA MET A 335 -13.62 10.99 -6.91
C MET A 335 -14.67 12.08 -7.10
N LEU A 336 -15.28 12.54 -6.01
CA LEU A 336 -16.19 13.69 -6.01
C LEU A 336 -15.38 14.92 -5.59
N PRO A 337 -15.60 16.10 -6.18
CA PRO A 337 -14.91 17.29 -5.70
C PRO A 337 -15.25 17.54 -4.21
N ALA A 338 -14.27 18.00 -3.44
CA ALA A 338 -14.47 18.56 -2.08
C ALA A 338 -15.24 19.90 -2.18
N LEU A 339 -15.02 20.65 -3.26
CA LEU A 339 -15.71 21.95 -3.41
C LEU A 339 -17.11 21.74 -4.01
N ARG A 340 -18.16 22.10 -3.26
CA ARG A 340 -19.56 21.78 -3.61
C ARG A 340 -19.94 22.49 -4.90
N SER A 341 -19.44 23.69 -5.17
CA SER A 341 -19.78 24.43 -6.42
C SER A 341 -19.38 23.59 -7.66
N ALA A 342 -18.34 22.74 -7.58
CA ALA A 342 -17.83 21.97 -8.72
C ALA A 342 -18.81 20.84 -9.05
N TRP A 343 -19.75 20.52 -8.17
CA TRP A 343 -20.74 19.44 -8.42
C TRP A 343 -21.70 19.78 -9.57
N SER A 344 -21.84 21.04 -9.97
CA SER A 344 -22.81 21.44 -11.01
C SER A 344 -22.17 21.29 -12.40
N ASP A 345 -20.89 21.00 -12.45
CA ASP A 345 -20.19 20.86 -13.76
C ASP A 345 -20.95 19.84 -14.63
N PRO A 346 -21.06 20.07 -15.97
CA PRO A 346 -21.65 19.05 -16.84
C PRO A 346 -21.00 17.63 -16.74
N SER A 347 -19.70 17.53 -16.44
CA SER A 347 -18.99 16.23 -16.33
C SER A 347 -19.71 15.35 -15.30
N PHE A 348 -20.34 15.93 -14.26
CA PHE A 348 -21.14 15.22 -13.24
C PHE A 348 -22.59 15.17 -13.66
N GLN A 349 -23.16 16.31 -14.01
CA GLN A 349 -24.63 16.48 -14.15
C GLN A 349 -25.14 15.73 -15.40
N GLN A 350 -24.26 15.41 -16.37
CA GLN A 350 -24.70 14.70 -17.59
C GLN A 350 -24.66 13.19 -17.34
N ASN A 351 -24.23 12.72 -16.16
CA ASN A 351 -24.07 11.28 -15.87
C ASN A 351 -24.96 10.89 -14.68
N PRO A 352 -26.04 10.11 -14.93
CA PRO A 352 -27.02 9.81 -13.87
C PRO A 352 -26.40 9.05 -12.68
N LEU A 353 -25.32 8.29 -12.91
CA LEU A 353 -24.68 7.55 -11.82
C LEU A 353 -23.95 8.55 -10.92
N LEU A 354 -23.29 9.55 -11.49
CA LEU A 354 -22.58 10.58 -10.69
C LEU A 354 -23.62 11.41 -9.95
N ARG A 355 -24.73 11.70 -10.59
CA ARG A 355 -25.84 12.44 -9.93
C ARG A 355 -26.24 11.65 -8.68
N THR A 356 -26.26 10.31 -8.72
CA THR A 356 -26.69 9.53 -7.55
C THR A 356 -25.65 9.63 -6.44
N PHE A 357 -24.35 9.62 -6.80
CA PHE A 357 -23.27 9.86 -5.83
C PHE A 357 -23.45 11.24 -5.21
N ILE A 358 -23.91 12.23 -5.98
CA ILE A 358 -24.11 13.58 -5.41
C ILE A 358 -25.29 13.50 -4.42
N GLN A 359 -26.35 12.76 -4.72
CA GLN A 359 -27.44 12.54 -3.70
C GLN A 359 -26.87 11.85 -2.47
N ALA A 360 -26.04 10.82 -2.65
CA ALA A 360 -25.41 10.10 -1.51
C ALA A 360 -24.59 11.08 -0.65
N ALA A 361 -24.02 12.12 -1.27
CA ALA A 361 -23.10 13.09 -0.62
C ALA A 361 -23.87 13.85 0.44
N GLN A 362 -25.16 14.09 0.19
CA GLN A 362 -25.93 14.88 1.18
C GLN A 362 -26.00 14.12 2.52
N PHE A 363 -25.79 12.82 2.58
CA PHE A 363 -25.84 12.11 3.89
C PHE A 363 -24.41 11.99 4.50
N GLY A 364 -23.47 12.82 4.04
CA GLY A 364 -22.04 12.63 4.29
C GLY A 364 -21.71 12.68 5.79
N ARG A 365 -20.88 11.74 6.25
CA ARG A 365 -20.39 11.75 7.65
C ARG A 365 -18.94 11.23 7.71
N THR A 366 -18.13 11.83 8.57
CA THR A 366 -16.72 11.44 8.78
C THR A 366 -16.52 11.14 10.27
N TYR A 367 -15.42 10.49 10.60
CA TYR A 367 -14.94 10.36 12.00
C TYR A 367 -14.60 11.75 12.56
N PRO A 368 -14.70 11.99 13.87
CA PRO A 368 -14.12 13.22 14.44
C PRO A 368 -12.60 13.20 14.17
N SER A 369 -11.98 14.36 13.96
CA SER A 369 -10.54 14.46 13.58
C SER A 369 -9.71 14.46 14.87
N LEU A 370 -9.71 13.35 15.57
CA LEU A 370 -8.91 13.18 16.80
C LEU A 370 -7.44 13.00 16.44
N ALA A 371 -6.56 13.47 17.31
CA ALA A 371 -5.10 13.36 17.16
C ALA A 371 -4.73 11.88 17.26
N GLY A 372 -5.45 11.10 18.07
CA GLY A 372 -5.23 9.68 18.32
C GLY A 372 -6.14 8.80 17.48
N TRP A 373 -6.63 9.33 16.35
CA TRP A 373 -7.67 8.59 15.58
C TRP A 373 -7.10 7.23 15.15
N GLY A 374 -5.86 7.19 14.65
CA GLY A 374 -5.23 5.94 14.16
C GLY A 374 -5.43 4.77 15.11
N GLY A 375 -5.15 4.97 16.38
CA GLY A 375 -5.14 3.91 17.40
C GLY A 375 -6.54 3.50 17.74
N VAL A 376 -7.48 4.43 17.70
CA VAL A 376 -8.92 4.14 17.95
C VAL A 376 -9.38 3.21 16.82
N GLU A 377 -9.19 3.62 15.57
CA GLU A 377 -9.54 2.83 14.36
C GLU A 377 -8.83 1.47 14.41
N ASN A 378 -7.55 1.43 14.73
CA ASN A 378 -6.76 0.17 14.77
C ASN A 378 -7.32 -0.76 15.86
N LEU A 379 -7.62 -0.24 17.04
CA LEU A 379 -8.15 -1.09 18.14
C LEU A 379 -9.57 -1.56 17.77
N ALA A 380 -10.40 -0.69 17.22
CA ALA A 380 -11.74 -1.07 16.74
C ALA A 380 -11.61 -2.22 15.76
N VAL A 381 -10.71 -2.04 14.79
CA VAL A 381 -10.62 -2.98 13.64
C VAL A 381 -10.15 -4.35 14.16
N GLN A 382 -9.28 -4.38 15.18
CA GLN A 382 -8.80 -5.65 15.79
C GLN A 382 -10.02 -6.44 16.24
N HIS A 383 -10.98 -5.79 16.90
CA HIS A 383 -12.12 -6.44 17.59
C HIS A 383 -13.23 -6.74 16.60
N LEU A 384 -13.47 -5.86 15.64
CA LEU A 384 -14.38 -6.15 14.50
C LEU A 384 -13.89 -7.42 13.76
N GLY A 385 -12.57 -7.56 13.56
CA GLY A 385 -11.96 -8.74 12.91
C GLY A 385 -12.37 -10.04 13.61
N MET A 386 -12.27 -10.06 14.93
CA MET A 386 -12.71 -11.21 15.74
C MET A 386 -14.22 -11.43 15.59
N ALA A 387 -15.01 -10.38 15.43
CA ALA A 387 -16.45 -10.55 15.20
C ALA A 387 -16.63 -11.18 13.81
N TRP A 388 -15.85 -10.73 12.82
CA TRP A 388 -15.94 -11.33 11.45
C TRP A 388 -15.56 -12.82 11.50
N ASP A 389 -14.61 -13.21 12.33
CA ASP A 389 -14.20 -14.63 12.53
C ASP A 389 -15.40 -15.44 13.05
N LEU A 390 -16.13 -14.93 14.03
CA LEU A 390 -17.37 -15.57 14.51
C LEU A 390 -18.40 -15.69 13.38
N VAL A 391 -18.65 -14.60 12.64
CA VAL A 391 -19.56 -14.63 11.45
C VAL A 391 -19.19 -15.81 10.55
N ALA A 392 -17.91 -15.93 10.21
CA ALA A 392 -17.37 -16.90 9.22
C ALA A 392 -17.69 -18.32 9.70
N GLN A 393 -17.83 -18.51 11.00
CA GLN A 393 -18.16 -19.82 11.63
C GLN A 393 -19.67 -19.97 11.89
N GLY A 394 -20.49 -18.95 11.58
CA GLY A 394 -21.93 -18.92 11.97
C GLY A 394 -22.12 -18.80 13.48
N ARG A 395 -21.20 -18.13 14.19
CA ARG A 395 -21.21 -18.09 15.68
C ARG A 395 -21.35 -16.65 16.21
N LEU A 396 -21.68 -15.65 15.40
CA LEU A 396 -21.83 -14.29 15.95
C LEU A 396 -23.24 -14.23 16.54
N THR A 397 -23.34 -14.00 17.84
CA THR A 397 -24.59 -13.66 18.54
C THR A 397 -24.46 -12.20 18.99
N ARG A 398 -25.58 -11.56 19.30
CA ARG A 398 -25.56 -10.19 19.84
C ARG A 398 -24.69 -10.14 21.10
N GLU A 399 -24.80 -11.15 21.96
CA GLU A 399 -24.06 -11.23 23.25
C GLU A 399 -22.55 -11.30 22.98
N ALA A 400 -22.12 -12.09 21.98
CA ALA A 400 -20.69 -12.28 21.63
C ALA A 400 -20.19 -10.98 21.02
N LEU A 401 -21.02 -10.30 20.24
CA LEU A 401 -20.58 -9.02 19.64
C LEU A 401 -20.36 -7.99 20.76
N LYS A 402 -21.29 -7.89 21.70
CA LYS A 402 -21.17 -6.96 22.86
C LYS A 402 -19.86 -7.24 23.64
N ASP A 403 -19.50 -8.50 23.89
CA ASP A 403 -18.30 -8.78 24.75
C ASP A 403 -17.03 -8.31 24.02
N LEU A 404 -16.96 -8.48 22.71
CA LEU A 404 -15.84 -8.02 21.86
C LEU A 404 -15.81 -6.49 21.83
N MET A 405 -16.96 -5.81 21.74
CA MET A 405 -16.96 -4.33 21.65
C MET A 405 -16.71 -3.76 23.06
N ASP A 406 -17.14 -4.44 24.13
CA ASP A 406 -16.69 -4.06 25.50
C ASP A 406 -15.15 -4.16 25.57
N LYS A 407 -14.54 -5.21 25.06
CA LYS A 407 -13.05 -5.32 25.08
C LYS A 407 -12.46 -4.19 24.22
N ALA A 408 -13.02 -3.97 23.03
CA ALA A 408 -12.57 -2.88 22.14
C ALA A 408 -12.62 -1.57 22.93
N SER A 409 -13.72 -1.34 23.65
CA SER A 409 -13.98 -0.03 24.31
C SER A 409 -13.00 0.16 25.47
N ALA A 410 -12.66 -0.89 26.22
CA ALA A 410 -11.67 -0.74 27.30
C ALA A 410 -10.31 -0.35 26.69
N ALA A 411 -9.90 -0.97 25.56
CA ALA A 411 -8.57 -0.71 24.95
C ALA A 411 -8.55 0.71 24.39
N ILE A 412 -9.65 1.10 23.71
CA ILE A 412 -9.80 2.44 23.11
C ILE A 412 -9.75 3.51 24.24
N ASN A 413 -10.56 3.34 25.29
CA ASN A 413 -10.58 4.32 26.42
C ASN A 413 -9.16 4.48 26.96
N GLN A 414 -8.39 3.40 27.15
CA GLN A 414 -7.03 3.53 27.74
C GLN A 414 -6.14 4.34 26.78
N ALA A 415 -6.19 4.08 25.48
CA ALA A 415 -5.40 4.79 24.47
C ALA A 415 -5.78 6.28 24.46
N LEU A 416 -7.04 6.63 24.72
CA LEU A 416 -7.51 8.04 24.70
C LEU A 416 -7.23 8.72 26.05
N ARG A 417 -7.01 8.01 27.17
CA ARG A 417 -7.07 8.60 28.55
C ARG A 417 -5.73 9.24 28.93
N LYS B 3 -8.41 -24.21 21.15
CA LYS B 3 -7.00 -23.72 21.17
C LYS B 3 -6.75 -22.98 19.83
N THR B 4 -6.71 -21.64 19.82
CA THR B 4 -6.52 -20.85 18.55
C THR B 4 -5.37 -19.85 18.65
N LEU B 5 -4.67 -19.65 17.54
CA LEU B 5 -3.57 -18.67 17.44
C LEU B 5 -4.05 -17.57 16.52
N GLU B 6 -3.63 -16.36 16.79
CA GLU B 6 -3.85 -15.25 15.87
C GLU B 6 -2.49 -14.87 15.24
N VAL B 7 -2.49 -14.79 13.91
CA VAL B 7 -1.32 -14.36 13.11
C VAL B 7 -1.74 -13.24 12.17
N TRP B 8 -0.96 -12.16 12.14
CA TRP B 8 -1.09 -11.04 11.17
C TRP B 8 -0.05 -11.21 10.07
N ILE B 9 -0.48 -11.21 8.81
CA ILE B 9 0.45 -11.26 7.65
C ILE B 9 0.15 -10.09 6.74
N MET B 10 1.06 -9.80 5.83
CA MET B 10 0.86 -8.81 4.76
C MET B 10 0.60 -9.60 3.48
N PRO B 11 0.15 -8.97 2.38
CA PRO B 11 -0.32 -9.71 1.21
C PRO B 11 0.85 -10.26 0.40
N ASN B 12 1.39 -11.42 0.74
CA ASN B 12 2.70 -11.90 0.23
C ASN B 12 2.51 -12.74 -1.05
N SER B 13 1.30 -13.19 -1.30
CA SER B 13 0.97 -14.17 -2.36
C SER B 13 -0.33 -13.76 -3.03
N PRO B 14 -0.71 -14.39 -4.18
CA PRO B 14 -1.86 -13.92 -4.96
C PRO B 14 -3.18 -14.13 -4.19
N GLN B 15 -3.29 -15.16 -3.34
CA GLN B 15 -4.44 -15.28 -2.40
C GLN B 15 -3.93 -15.27 -0.95
N PRO B 16 -3.68 -14.08 -0.36
CA PRO B 16 -2.95 -14.01 0.92
C PRO B 16 -3.46 -14.98 2.00
N ALA B 17 -4.73 -14.83 2.40
CA ALA B 17 -5.41 -15.64 3.43
C ALA B 17 -5.46 -17.12 3.03
N GLU B 18 -5.96 -17.47 1.84
CA GLU B 18 -6.19 -18.90 1.49
C GLU B 18 -4.83 -19.62 1.38
N ASP B 19 -3.79 -18.96 0.83
CA ASP B 19 -2.43 -19.54 0.70
C ASP B 19 -1.85 -19.81 2.09
N PHE B 20 -1.96 -18.82 3.00
CA PHE B 20 -1.44 -18.97 4.39
C PHE B 20 -2.21 -20.09 5.09
N LYS B 21 -3.52 -20.13 4.98
CA LYS B 21 -4.34 -21.21 5.59
C LYS B 21 -3.94 -22.58 5.03
N ALA B 22 -3.70 -22.73 3.72
CA ALA B 22 -3.19 -23.97 3.09
C ALA B 22 -1.79 -24.30 3.64
N LEU B 23 -0.95 -23.28 3.84
CA LEU B 23 0.42 -23.48 4.40
C LEU B 23 0.34 -24.09 5.79
N VAL B 24 -0.57 -23.65 6.65
CA VAL B 24 -0.54 -24.02 8.11
C VAL B 24 -1.49 -25.20 8.39
N ALA B 25 -2.24 -25.70 7.40
CA ALA B 25 -3.18 -26.83 7.55
C ALA B 25 -2.51 -28.05 8.18
N PRO B 26 -1.29 -28.51 7.77
CA PRO B 26 -0.64 -29.64 8.43
C PRO B 26 -0.33 -29.37 9.91
N PHE B 27 0.05 -28.14 10.27
CA PHE B 27 0.39 -27.74 11.66
C PHE B 27 -0.88 -27.79 12.51
N GLU B 28 -1.98 -27.21 11.99
CA GLU B 28 -3.30 -27.24 12.69
C GLU B 28 -3.68 -28.70 12.93
N LYS B 29 -3.50 -29.57 11.95
CA LYS B 29 -3.91 -30.99 12.05
C LYS B 29 -3.04 -31.65 13.11
N ALA B 30 -1.71 -31.49 13.04
CA ALA B 30 -0.77 -32.21 13.92
C ALA B 30 -0.94 -31.76 15.37
N HIS B 31 -1.43 -30.52 15.65
CA HIS B 31 -1.53 -30.00 17.05
C HIS B 31 -3.01 -29.81 17.47
N GLY B 32 -3.95 -30.09 16.58
CA GLY B 32 -5.40 -29.91 16.85
C GLY B 32 -5.72 -28.50 17.33
N VAL B 33 -5.21 -27.48 16.64
CA VAL B 33 -5.48 -26.04 16.96
C VAL B 33 -5.87 -25.32 15.68
N GLU B 34 -6.52 -24.17 15.82
CA GLU B 34 -6.89 -23.33 14.66
C GLU B 34 -5.95 -22.11 14.64
N VAL B 35 -5.39 -21.81 13.47
CA VAL B 35 -4.66 -20.53 13.22
C VAL B 35 -5.64 -19.56 12.56
N LYS B 36 -5.91 -18.44 13.21
CA LYS B 36 -6.70 -17.34 12.63
C LYS B 36 -5.74 -16.36 11.96
N VAL B 37 -5.84 -16.17 10.65
CA VAL B 37 -4.95 -15.18 9.98
C VAL B 37 -5.78 -13.93 9.68
N THR B 38 -5.18 -12.76 9.89
CA THR B 38 -5.66 -11.44 9.38
C THR B 38 -4.60 -10.89 8.42
N VAL B 39 -5.06 -10.47 7.24
CA VAL B 39 -4.22 -9.89 6.16
C VAL B 39 -4.23 -8.37 6.33
N LEU B 40 -3.06 -7.79 6.54
CA LEU B 40 -2.89 -6.32 6.71
C LEU B 40 -2.32 -5.78 5.40
N ASP B 41 -3.09 -4.93 4.72
CA ASP B 41 -2.64 -4.14 3.56
C ASP B 41 -1.33 -3.44 3.94
N TRP B 42 -0.35 -3.40 3.05
CA TRP B 42 0.93 -2.69 3.31
C TRP B 42 0.65 -1.22 3.65
N GLY B 43 -0.45 -0.67 3.12
CA GLY B 43 -0.94 0.69 3.42
C GLY B 43 -1.18 0.93 4.91
N VAL B 44 -1.50 -0.09 5.72
CA VAL B 44 -1.90 0.08 7.14
C VAL B 44 -1.10 -0.84 8.08
N ALA B 45 -0.29 -1.77 7.57
CA ALA B 45 0.28 -2.86 8.40
C ALA B 45 1.09 -2.24 9.53
N TRP B 46 1.86 -1.22 9.21
CA TRP B 46 2.84 -0.63 10.12
C TRP B 46 2.09 0.00 11.30
N THR B 47 1.15 0.88 11.01
CA THR B 47 0.40 1.63 12.05
C THR B 47 -0.31 0.61 12.94
N LYS B 48 -0.92 -0.43 12.36
CA LYS B 48 -1.68 -1.45 13.14
C LYS B 48 -0.72 -2.21 14.05
N ILE B 49 0.47 -2.57 13.55
CA ILE B 49 1.49 -3.34 14.32
C ILE B 49 2.01 -2.44 15.46
N THR B 50 2.22 -1.17 15.14
CA THR B 50 2.62 -0.12 16.08
C THR B 50 1.55 0.01 17.19
N THR B 51 0.24 0.05 16.85
CA THR B 51 -0.85 0.19 17.84
C THR B 51 -0.86 -1.05 18.73
N ALA B 52 -0.64 -2.22 18.16
CA ALA B 52 -0.53 -3.49 18.94
C ALA B 52 0.61 -3.36 19.96
N ALA B 53 1.74 -2.83 19.53
CA ALA B 53 2.96 -2.69 20.35
C ALA B 53 2.70 -1.78 21.58
N THR B 54 2.09 -0.60 21.37
CA THR B 54 1.88 0.42 22.45
C THR B 54 0.70 0.03 23.35
N SER B 55 -0.33 -0.63 22.81
CA SER B 55 -1.57 -0.91 23.57
C SER B 55 -1.44 -2.22 24.33
N GLY B 56 -0.56 -3.13 23.98
CA GLY B 56 -0.50 -4.47 24.58
C GLY B 56 -1.63 -5.35 24.10
N VAL B 57 -2.36 -4.92 23.08
CA VAL B 57 -3.49 -5.68 22.49
C VAL B 57 -3.10 -5.98 21.05
N GLY B 58 -3.25 -7.23 20.61
CA GLY B 58 -2.86 -7.58 19.23
C GLY B 58 -2.82 -9.09 19.05
N PRO B 59 -2.09 -9.58 18.02
CA PRO B 59 -2.08 -10.99 17.67
C PRO B 59 -1.04 -11.75 18.50
N ASP B 60 -0.90 -13.05 18.24
CA ASP B 60 0.22 -13.83 18.85
C ASP B 60 1.46 -13.57 18.01
N LEU B 61 1.40 -13.91 16.71
CA LEU B 61 2.50 -13.66 15.76
C LEU B 61 2.12 -12.50 14.83
N THR B 62 3.11 -11.67 14.48
CA THR B 62 3.03 -10.73 13.32
C THR B 62 4.20 -10.96 12.37
N GLN B 63 3.92 -10.89 11.07
CA GLN B 63 4.92 -10.58 10.03
C GLN B 63 5.51 -9.19 10.34
N LEU B 64 6.80 -9.00 10.07
CA LEU B 64 7.53 -7.71 10.11
C LEU B 64 8.34 -7.63 8.82
N GLY B 65 8.29 -6.53 8.09
CA GLY B 65 9.35 -6.22 7.11
C GLY B 65 10.70 -6.35 7.78
N THR B 66 11.74 -6.80 7.08
CA THR B 66 13.07 -6.98 7.76
C THR B 66 13.54 -5.65 8.35
N THR B 67 13.24 -4.52 7.69
CA THR B 67 13.71 -3.19 8.15
C THR B 67 12.89 -2.69 9.34
N TRP B 68 11.85 -3.43 9.77
CA TRP B 68 10.93 -3.03 10.88
C TRP B 68 11.45 -3.62 12.20
N VAL B 69 12.31 -4.60 12.11
CA VAL B 69 12.62 -5.47 13.29
C VAL B 69 13.18 -4.60 14.42
N GLY B 70 14.14 -3.73 14.11
CA GLY B 70 14.82 -2.84 15.08
C GLY B 70 13.84 -2.02 15.86
N ALA B 71 13.03 -1.24 15.16
CA ALA B 71 12.00 -0.32 15.70
C ALA B 71 11.08 -1.07 16.66
N ILE B 72 10.50 -2.17 16.23
CA ILE B 72 9.56 -2.94 17.11
C ILE B 72 10.34 -3.55 18.29
N SER B 73 11.55 -4.10 18.04
CA SER B 73 12.36 -4.78 19.06
C SER B 73 12.72 -3.78 20.17
N ALA B 74 13.06 -2.54 19.80
CA ALA B 74 13.46 -1.44 20.69
C ALA B 74 12.31 -1.06 21.62
N MET B 75 11.05 -1.32 21.26
CA MET B 75 9.92 -0.99 22.15
C MET B 75 9.79 -2.02 23.28
N GLY B 76 10.53 -3.13 23.21
CA GLY B 76 10.58 -4.08 24.35
C GLY B 76 9.40 -5.04 24.38
N VAL B 77 8.72 -5.23 23.24
CA VAL B 77 7.39 -5.90 23.17
C VAL B 77 7.47 -7.26 22.49
N LEU B 78 8.65 -7.68 22.02
CA LEU B 78 8.83 -8.94 21.26
C LEU B 78 9.45 -9.98 22.18
N GLU B 79 9.03 -11.22 22.03
CA GLU B 79 9.54 -12.37 22.83
C GLU B 79 10.85 -12.83 22.22
N PRO B 80 11.87 -13.18 23.04
CA PRO B 80 13.10 -13.79 22.52
C PRO B 80 12.80 -15.11 21.79
N VAL B 81 13.40 -15.31 20.63
CA VAL B 81 13.20 -16.52 19.80
C VAL B 81 14.58 -17.16 19.49
N ASP B 82 15.55 -17.00 20.38
CA ASP B 82 16.89 -17.68 20.28
C ASP B 82 16.62 -19.18 20.20
N ASP B 83 15.66 -19.66 20.99
CA ASP B 83 15.28 -21.09 21.08
C ASP B 83 14.79 -21.58 19.73
N VAL B 84 13.88 -20.86 19.11
CA VAL B 84 13.30 -21.22 17.79
C VAL B 84 14.46 -21.29 16.78
N LEU B 85 15.30 -20.27 16.76
CA LEU B 85 16.37 -20.16 15.75
C LEU B 85 17.39 -21.32 15.94
N GLU B 86 17.68 -21.72 17.17
CA GLU B 86 18.59 -22.85 17.50
C GLU B 86 17.97 -24.13 16.98
N ALA B 87 16.67 -24.34 17.16
CA ALA B 87 16.02 -25.58 16.71
C ALA B 87 16.14 -25.67 15.19
N LEU B 88 16.18 -24.53 14.51
CA LEU B 88 16.21 -24.44 13.02
C LEU B 88 17.65 -24.53 12.49
N GLY B 89 18.65 -24.46 13.37
CA GLY B 89 20.07 -24.70 13.02
C GLY B 89 21.00 -23.54 13.38
N GLY B 90 20.46 -22.53 14.10
CA GLY B 90 21.18 -21.35 14.62
C GLY B 90 21.68 -20.42 13.55
N GLU B 91 22.65 -19.55 13.90
CA GLU B 91 23.18 -18.47 13.03
C GLU B 91 23.60 -18.99 11.64
N LYS B 92 24.26 -20.14 11.54
CA LYS B 92 24.91 -20.58 10.27
C LYS B 92 23.89 -21.30 9.36
N ALA B 93 22.60 -21.32 9.77
CA ALA B 93 21.49 -21.84 8.95
C ALA B 93 21.06 -20.78 7.95
N TYR B 94 21.58 -19.57 8.08
CA TYR B 94 21.17 -18.36 7.32
C TYR B 94 22.34 -17.62 6.71
N LEU B 95 22.09 -16.95 5.58
CA LEU B 95 22.97 -15.86 5.07
C LEU B 95 23.21 -14.91 6.22
N PRO B 96 24.45 -14.41 6.40
CA PRO B 96 24.73 -13.33 7.33
C PRO B 96 23.79 -12.12 7.20
N ALA B 97 23.38 -11.77 5.97
CA ALA B 97 22.52 -10.60 5.75
C ALA B 97 21.11 -10.89 6.30
N VAL B 98 20.64 -12.13 6.18
CA VAL B 98 19.31 -12.55 6.72
C VAL B 98 19.40 -12.61 8.26
N TRP B 99 20.48 -13.17 8.79
CA TRP B 99 20.70 -13.29 10.24
C TRP B 99 20.69 -11.91 10.88
N ARG B 100 21.21 -10.89 10.20
CA ARG B 100 21.28 -9.52 10.78
C ARG B 100 19.86 -9.02 11.08
N THR B 101 18.85 -9.51 10.34
CA THR B 101 17.44 -9.06 10.53
C THR B 101 16.73 -9.82 11.68
N THR B 102 17.37 -10.72 12.40
CA THR B 102 16.71 -11.49 13.48
C THR B 102 16.64 -10.64 14.76
N ARG B 103 17.27 -9.49 14.78
CA ARG B 103 17.54 -8.74 16.03
C ARG B 103 17.64 -7.25 15.73
N LEU B 104 17.39 -6.44 16.74
CA LEU B 104 17.91 -5.06 16.84
C LEU B 104 19.43 -5.11 16.67
N GLU B 105 20.00 -4.23 15.86
CA GLU B 105 21.47 -4.20 15.60
C GLU B 105 22.22 -4.15 16.93
N GLY B 106 23.17 -5.08 17.10
CA GLY B 106 24.04 -5.23 18.30
C GLY B 106 23.36 -6.00 19.43
N ALA B 107 22.07 -6.31 19.38
CA ALA B 107 21.34 -6.93 20.52
C ALA B 107 21.75 -8.39 20.65
N ARG B 108 21.81 -8.90 21.88
CA ARG B 108 22.19 -10.29 22.25
C ARG B 108 21.17 -11.29 21.68
N GLN B 109 19.90 -11.07 22.03
CA GLN B 109 18.78 -12.02 21.79
C GLN B 109 18.13 -11.70 20.44
N ALA B 110 17.70 -12.72 19.75
CA ALA B 110 16.87 -12.60 18.53
C ALA B 110 15.43 -12.27 18.96
N THR B 111 14.79 -11.39 18.22
CA THR B 111 13.35 -11.05 18.42
C THR B 111 12.53 -11.36 17.13
N ALA B 112 13.15 -11.93 16.11
CA ALA B 112 12.41 -12.27 14.87
C ALA B 112 13.00 -13.50 14.21
N VAL B 113 12.10 -14.26 13.54
CA VAL B 113 12.48 -15.50 12.83
C VAL B 113 12.43 -15.20 11.34
N PRO B 114 13.50 -15.50 10.59
CA PRO B 114 13.46 -15.29 9.14
C PRO B 114 12.35 -16.11 8.49
N TRP B 115 11.57 -15.47 7.62
CA TRP B 115 10.45 -16.14 6.93
C TRP B 115 10.76 -16.33 5.44
N PHE B 116 11.02 -15.26 4.71
CA PHE B 116 11.35 -15.32 3.26
C PHE B 116 12.13 -14.06 2.87
N SER B 117 12.92 -14.17 1.82
CA SER B 117 13.87 -13.12 1.37
C SER B 117 13.35 -12.64 0.03
N ALA B 118 13.27 -11.34 -0.09
CA ALA B 118 13.08 -10.58 -1.33
C ALA B 118 14.49 -10.14 -1.75
N LEU B 119 14.97 -10.58 -2.91
CA LEU B 119 16.31 -10.17 -3.39
C LEU B 119 16.16 -9.75 -4.84
N ARG B 120 17.00 -8.81 -5.28
CA ARG B 120 16.97 -8.25 -6.65
C ARG B 120 18.13 -8.80 -7.45
N ALA B 121 17.83 -9.20 -8.68
CA ALA B 121 18.81 -9.50 -9.73
C ALA B 121 18.27 -8.89 -11.04
N PHE B 122 19.07 -8.90 -12.08
CA PHE B 122 18.70 -8.29 -13.36
C PHE B 122 18.02 -9.33 -14.20
N TYR B 123 16.78 -9.10 -14.59
CA TYR B 123 16.19 -9.81 -15.75
C TYR B 123 16.65 -9.11 -17.01
N TYR B 124 16.74 -9.89 -18.09
CA TYR B 124 17.10 -9.36 -19.43
C TYR B 124 16.44 -10.24 -20.52
N ARG B 125 16.14 -9.58 -21.63
CA ARG B 125 15.58 -10.18 -22.86
C ARG B 125 16.72 -10.89 -23.61
N THR B 126 16.75 -12.21 -23.57
CA THR B 126 17.84 -12.98 -24.23
C THR B 126 17.82 -12.70 -25.75
N ASP B 127 16.64 -12.45 -26.34
CA ASP B 127 16.51 -12.16 -27.79
C ASP B 127 17.13 -10.79 -28.06
N ALA B 128 16.93 -9.79 -27.17
CA ALA B 128 17.43 -8.40 -27.36
C ALA B 128 18.95 -8.43 -27.30
N LEU B 129 19.50 -9.05 -26.28
CA LEU B 129 20.98 -9.14 -26.17
C LEU B 129 21.55 -9.89 -27.38
N LYS B 130 21.00 -11.04 -27.76
CA LYS B 130 21.46 -11.77 -28.98
C LYS B 130 21.51 -10.77 -30.13
N ALA B 131 20.37 -10.14 -30.47
CA ALA B 131 20.26 -9.27 -31.66
C ALA B 131 21.26 -8.09 -31.61
N ALA B 132 21.62 -7.58 -30.42
CA ALA B 132 22.51 -6.42 -30.23
C ALA B 132 23.98 -6.87 -30.16
N GLY B 133 24.22 -8.18 -30.28
CA GLY B 133 25.56 -8.78 -30.17
C GLY B 133 26.16 -8.59 -28.79
N VAL B 134 25.33 -8.61 -27.73
CA VAL B 134 25.78 -8.38 -26.33
C VAL B 134 25.90 -9.74 -25.66
N ASN B 135 27.14 -10.04 -25.29
CA ASN B 135 27.52 -11.24 -24.52
C ASN B 135 27.04 -11.00 -23.08
N PRO B 136 26.15 -11.87 -22.53
CA PRO B 136 25.62 -11.69 -21.17
C PRO B 136 26.67 -11.73 -20.05
N ALA B 137 27.60 -12.67 -20.14
CA ALA B 137 28.72 -12.82 -19.18
C ALA B 137 29.48 -11.50 -19.05
N GLU B 138 29.87 -10.86 -20.15
CA GLU B 138 30.64 -9.58 -20.10
C GLU B 138 29.74 -8.45 -19.58
N MET B 139 28.45 -8.44 -19.96
CA MET B 139 27.57 -7.31 -19.62
C MET B 139 27.42 -7.28 -18.09
N PHE B 140 27.39 -8.43 -17.46
CA PHE B 140 27.09 -8.54 -16.02
C PHE B 140 28.36 -8.85 -15.22
N ALA B 141 29.58 -8.71 -15.79
CA ALA B 141 30.84 -9.02 -15.08
C ALA B 141 31.54 -7.78 -14.52
N SER B 142 31.12 -6.58 -14.92
CA SER B 142 31.68 -5.32 -14.41
C SER B 142 30.70 -4.19 -14.71
N TRP B 143 30.88 -3.07 -14.05
CA TRP B 143 30.10 -1.83 -14.31
C TRP B 143 30.37 -1.30 -15.74
N GLN B 144 31.60 -1.26 -16.20
CA GLN B 144 31.86 -0.73 -17.57
C GLN B 144 31.30 -1.73 -18.57
N GLY B 145 31.33 -3.02 -18.29
CA GLY B 145 30.65 -4.05 -19.09
C GLY B 145 29.15 -3.79 -19.13
N PHE B 146 28.58 -3.49 -17.97
CA PHE B 146 27.12 -3.24 -17.82
C PHE B 146 26.73 -2.03 -18.69
N GLU B 147 27.49 -0.95 -18.54
CA GLU B 147 27.24 0.31 -19.28
C GLU B 147 27.48 0.09 -20.78
N ALA B 148 28.55 -0.59 -21.21
CA ALA B 148 28.80 -0.88 -22.63
C ALA B 148 27.65 -1.72 -23.18
N GLY B 149 27.13 -2.69 -22.41
CA GLY B 149 25.97 -3.52 -22.81
C GLY B 149 24.72 -2.64 -23.03
N LEU B 150 24.42 -1.72 -22.13
CA LEU B 150 23.26 -0.79 -22.31
C LEU B 150 23.47 0.08 -23.55
N ALA B 151 24.71 0.47 -23.88
CA ALA B 151 24.97 1.38 -25.01
C ALA B 151 24.73 0.60 -26.32
N ARG B 152 25.10 -0.68 -26.34
CA ARG B 152 24.90 -1.57 -27.51
C ARG B 152 23.41 -1.84 -27.66
N LEU B 153 22.70 -2.08 -26.55
CA LEU B 153 21.22 -2.23 -26.59
C LEU B 153 20.54 -0.94 -27.08
N LYS B 154 21.04 0.24 -26.73
CA LYS B 154 20.48 1.52 -27.25
C LYS B 154 20.66 1.62 -28.78
N ALA B 155 21.80 1.22 -29.34
CA ALA B 155 22.09 1.41 -30.77
C ALA B 155 21.43 0.29 -31.60
N SER B 156 21.03 -0.81 -30.97
CA SER B 156 20.49 -1.99 -31.66
C SER B 156 19.23 -1.65 -32.49
N SER B 157 19.05 -2.28 -33.64
CA SER B 157 17.85 -2.08 -34.50
C SER B 157 16.77 -3.09 -34.10
N PHE B 158 17.04 -3.99 -33.14
CA PHE B 158 16.04 -4.95 -32.63
C PHE B 158 14.76 -4.21 -32.26
N ARG B 159 13.65 -4.79 -32.70
CA ARG B 159 12.28 -4.35 -32.38
C ARG B 159 11.65 -5.52 -31.65
N ASP B 160 10.78 -5.23 -30.71
CA ASP B 160 10.05 -6.30 -29.99
C ASP B 160 9.08 -6.91 -30.97
N PRO B 161 8.98 -8.27 -31.11
CA PRO B 161 8.03 -8.88 -32.04
C PRO B 161 6.59 -8.35 -31.92
N GLU B 162 6.14 -7.97 -30.72
CA GLU B 162 4.74 -7.53 -30.53
C GLU B 162 4.65 -6.00 -30.65
N THR B 163 5.52 -5.23 -30.00
CA THR B 163 5.38 -3.75 -30.02
C THR B 163 5.84 -3.25 -31.39
N LYS B 164 6.76 -3.98 -32.06
CA LYS B 164 7.46 -3.56 -33.30
C LYS B 164 8.22 -2.24 -33.04
N ALA B 165 8.56 -1.97 -31.78
CA ALA B 165 9.19 -0.72 -31.32
C ALA B 165 10.50 -1.07 -30.61
N PRO B 166 11.46 -0.13 -30.48
CA PRO B 166 12.66 -0.39 -29.69
C PRO B 166 12.34 -0.78 -28.25
N LEU B 167 13.26 -1.50 -27.64
CA LEU B 167 13.33 -1.72 -26.19
C LEU B 167 14.19 -0.59 -25.58
N ALA B 168 13.70 0.04 -24.51
CA ALA B 168 14.58 0.79 -23.57
C ALA B 168 15.69 -0.15 -23.08
N PRO B 169 16.97 0.24 -23.11
CA PRO B 169 18.03 -0.62 -22.57
C PRO B 169 17.81 -1.08 -21.11
N LEU B 170 17.63 -0.13 -20.19
CA LEU B 170 17.36 -0.37 -18.75
C LEU B 170 16.05 0.35 -18.39
N CYS B 171 15.11 -0.37 -17.76
CA CYS B 171 14.00 0.28 -17.04
C CYS B 171 14.25 0.20 -15.52
N THR B 172 14.15 1.35 -14.87
CA THR B 172 14.24 1.48 -13.40
C THR B 172 13.33 2.62 -13.02
N PRO B 173 12.62 2.51 -11.88
CA PRO B 173 12.01 3.70 -11.27
C PRO B 173 13.12 4.71 -10.91
N GLY B 174 12.73 5.98 -10.78
CA GLY B 174 13.56 7.01 -10.11
C GLY B 174 13.02 7.24 -8.72
N LYS B 175 12.34 8.36 -8.49
CA LYS B 175 11.90 8.79 -7.13
C LYS B 175 10.47 8.33 -6.76
N ASN B 176 9.58 8.03 -7.72
CA ASN B 176 8.15 7.71 -7.45
C ASN B 176 7.96 6.20 -7.19
N SER B 177 8.65 5.64 -6.22
CA SER B 177 8.52 4.19 -5.90
C SER B 177 8.77 4.04 -4.41
N TRP B 178 8.31 2.96 -3.83
CA TRP B 178 8.52 2.64 -2.39
C TRP B 178 10.00 2.25 -2.18
N ASP B 179 10.72 1.84 -3.24
CA ASP B 179 12.04 1.19 -3.10
C ASP B 179 13.19 2.01 -3.67
N VAL B 180 13.11 3.33 -3.55
CA VAL B 180 14.14 4.27 -4.11
C VAL B 180 15.53 3.88 -3.58
N LEU B 181 15.63 3.70 -2.27
CA LEU B 181 16.90 3.34 -1.61
C LEU B 181 17.37 1.94 -2.00
N HIS B 182 16.48 0.96 -2.08
CA HIS B 182 16.82 -0.43 -2.43
C HIS B 182 17.40 -0.50 -3.86
N ASN B 183 16.90 0.32 -4.76
CA ASN B 183 17.35 0.34 -6.18
C ASN B 183 18.80 0.85 -6.26
N ALA B 184 19.17 1.78 -5.36
CA ALA B 184 20.49 2.43 -5.28
C ALA B 184 21.49 1.61 -4.45
N ALA B 185 21.03 0.93 -3.40
CA ALA B 185 21.89 0.30 -2.35
C ALA B 185 23.00 -0.55 -3.00
N PRO B 186 22.70 -1.42 -4.01
CA PRO B 186 23.74 -2.26 -4.62
C PRO B 186 24.88 -1.42 -5.23
N TRP B 187 24.53 -0.25 -5.77
CA TRP B 187 25.54 0.59 -6.46
C TRP B 187 26.38 1.29 -5.40
N ILE B 188 25.73 1.77 -4.36
CA ILE B 188 26.44 2.37 -3.19
C ILE B 188 27.41 1.33 -2.64
N TRP B 189 26.94 0.14 -2.32
CA TRP B 189 27.75 -0.96 -1.72
C TRP B 189 28.88 -1.41 -2.66
N GLY B 190 28.58 -1.63 -3.93
CA GLY B 190 29.52 -2.10 -4.95
C GLY B 190 30.65 -1.10 -5.17
N ALA B 191 30.46 0.19 -4.93
CA ALA B 191 31.57 1.18 -5.03
C ALA B 191 32.33 1.23 -3.72
N GLY B 192 31.93 0.45 -2.72
CA GLY B 192 32.69 0.31 -1.46
C GLY B 192 32.06 1.18 -0.37
N GLY B 193 30.92 1.77 -0.64
CA GLY B 193 30.27 2.67 0.31
C GLY B 193 29.21 1.95 1.10
N GLU B 194 28.36 2.75 1.76
CA GLU B 194 27.28 2.28 2.65
C GLU B 194 26.38 3.49 2.91
N ILE B 195 25.12 3.26 3.27
CA ILE B 195 24.18 4.37 3.63
C ILE B 195 24.61 4.93 5.00
N VAL B 196 24.87 4.07 5.98
CA VAL B 196 25.36 4.48 7.33
C VAL B 196 26.65 3.74 7.67
N ARG B 197 27.48 4.33 8.53
CA ARG B 197 28.79 3.80 8.98
C ARG B 197 28.80 3.83 10.51
N GLN B 198 29.24 2.73 11.13
CA GLN B 198 29.39 2.67 12.60
C GLN B 198 30.86 2.97 12.94
N ALA B 199 31.02 3.94 13.83
CA ALA B 199 32.33 4.36 14.39
C ALA B 199 32.09 5.05 15.72
N GLY B 200 33.03 4.91 16.63
CA GLY B 200 32.91 5.52 17.96
C GLY B 200 31.56 5.18 18.59
N GLY B 201 31.01 3.96 18.31
CA GLY B 201 29.89 3.40 19.09
C GLY B 201 28.54 4.02 18.70
N ARG B 202 28.47 4.63 17.53
CA ARG B 202 27.22 5.21 16.97
C ARG B 202 27.20 5.02 15.44
N TRP B 203 26.08 5.31 14.83
CA TRP B 203 25.93 5.27 13.36
C TRP B 203 25.86 6.71 12.88
N GLN B 204 26.52 6.99 11.76
CA GLN B 204 26.52 8.27 11.04
C GLN B 204 26.25 7.96 9.56
N SER B 205 25.65 8.91 8.84
CA SER B 205 25.43 8.83 7.37
C SER B 205 26.79 8.58 6.73
N ALA B 206 26.84 7.75 5.71
CA ALA B 206 28.05 7.60 4.87
C ALA B 206 27.67 7.87 3.40
N LEU B 207 26.49 8.41 3.15
CA LEU B 207 26.00 8.63 1.77
C LEU B 207 26.89 9.68 1.06
N ASN B 208 27.57 10.54 1.80
CA ASN B 208 28.42 11.61 1.20
C ASN B 208 29.88 11.14 1.17
N SER B 209 30.19 9.89 1.44
CA SER B 209 31.58 9.39 1.36
C SER B 209 32.00 9.36 -0.11
N PRO B 210 33.30 9.51 -0.45
CA PRO B 210 33.74 9.35 -1.82
C PRO B 210 33.20 8.07 -2.47
N GLU B 211 33.20 6.93 -1.79
CA GLU B 211 32.78 5.66 -2.44
C GLU B 211 31.27 5.71 -2.72
N SER B 212 30.49 6.12 -1.72
CA SER B 212 29.00 6.13 -1.81
C SER B 212 28.63 7.04 -2.98
N LEU B 213 29.28 8.20 -3.13
CA LEU B 213 29.01 9.14 -4.26
C LEU B 213 29.38 8.52 -5.62
N GLU B 214 30.47 7.74 -5.73
CA GLU B 214 30.89 7.09 -7.02
C GLU B 214 29.82 6.06 -7.43
N GLY B 215 29.36 5.25 -6.49
CA GLY B 215 28.29 4.25 -6.76
C GLY B 215 27.00 4.94 -7.19
N LEU B 216 26.58 5.93 -6.43
CA LEU B 216 25.35 6.70 -6.71
C LEU B 216 25.44 7.36 -8.08
N TYR B 217 26.55 8.03 -8.34
CA TYR B 217 26.69 8.80 -9.60
C TYR B 217 26.69 7.82 -10.77
N PHE B 218 27.33 6.66 -10.63
CA PHE B 218 27.41 5.65 -11.72
C PHE B 218 25.97 5.24 -12.08
N PHE B 219 25.16 4.92 -11.08
CA PHE B 219 23.78 4.41 -11.27
C PHE B 219 22.87 5.46 -11.90
N LEU B 220 22.76 6.61 -11.24
CA LEU B 220 21.89 7.74 -11.69
C LEU B 220 22.37 8.21 -13.07
N SER B 221 23.66 8.18 -13.38
CA SER B 221 24.11 8.74 -14.68
C SER B 221 23.73 7.80 -15.83
N LEU B 222 23.46 6.52 -15.58
CA LEU B 222 22.89 5.63 -16.63
C LEU B 222 21.61 6.26 -17.16
N ALA B 223 20.73 6.75 -16.29
CA ALA B 223 19.46 7.38 -16.72
C ALA B 223 19.76 8.62 -17.54
N GLN B 224 20.73 9.42 -17.06
CA GLN B 224 21.10 10.72 -17.67
C GLN B 224 21.75 10.53 -19.04
N LYS B 225 22.42 9.40 -19.26
CA LYS B 225 23.13 9.08 -20.53
C LYS B 225 22.13 8.53 -21.55
N GLY B 226 20.88 8.38 -21.16
CA GLY B 226 19.81 8.00 -22.10
C GLY B 226 19.58 6.49 -22.18
N TYR B 227 20.05 5.72 -21.20
CA TYR B 227 19.85 4.25 -21.17
C TYR B 227 18.52 3.90 -20.50
N VAL B 228 17.91 4.86 -19.84
CA VAL B 228 16.59 4.72 -19.15
C VAL B 228 15.63 5.70 -19.82
N PRO B 229 14.41 5.31 -20.23
CA PRO B 229 13.46 6.26 -20.79
C PRO B 229 13.04 7.29 -19.70
N ALA B 230 12.90 8.55 -20.11
CA ALA B 230 12.25 9.62 -19.31
C ALA B 230 10.99 9.05 -18.61
N GLU B 231 10.16 8.28 -19.32
CA GLU B 231 8.85 7.77 -18.83
C GLU B 231 9.07 6.86 -17.60
N SER B 232 10.18 6.13 -17.54
CA SER B 232 10.50 5.20 -16.43
CA SER B 232 10.47 5.19 -16.43
C SER B 232 10.60 5.99 -15.12
N LEU B 233 11.16 7.20 -15.19
CA LEU B 233 11.45 8.03 -13.99
C LEU B 233 10.15 8.46 -13.30
N GLU B 234 9.00 8.43 -13.96
CA GLU B 234 7.72 8.87 -13.34
CA GLU B 234 7.68 8.85 -13.39
C GLU B 234 7.01 7.71 -12.63
N LYS B 235 7.52 6.48 -12.79
CA LYS B 235 6.75 5.25 -12.52
C LYS B 235 7.28 4.51 -11.30
N ASN B 236 6.45 3.64 -10.72
CA ASN B 236 6.87 2.76 -9.60
C ASN B 236 7.39 1.40 -10.12
N THR B 237 7.89 0.56 -9.22
CA THR B 237 8.41 -0.80 -9.50
C THR B 237 7.35 -1.63 -10.24
N ALA B 238 6.09 -1.66 -9.78
CA ALA B 238 5.02 -2.49 -10.38
C ALA B 238 4.81 -2.08 -11.83
N GLN B 239 4.82 -0.77 -12.11
CA GLN B 239 4.64 -0.21 -13.47
C GLN B 239 5.82 -0.67 -14.35
N ILE B 240 7.05 -0.57 -13.85
CA ILE B 240 8.27 -1.04 -14.59
C ILE B 240 8.12 -2.54 -14.91
N GLU B 241 7.74 -3.36 -13.93
CA GLU B 241 7.42 -4.80 -14.14
C GLU B 241 6.48 -4.99 -15.33
N ALA B 242 5.36 -4.26 -15.37
CA ALA B 242 4.35 -4.38 -16.42
C ALA B 242 4.97 -3.95 -17.75
N ASP B 243 5.75 -2.86 -17.77
CA ASP B 243 6.48 -2.45 -19.02
C ASP B 243 7.39 -3.57 -19.55
N PHE B 244 8.17 -4.22 -18.69
CA PHE B 244 9.06 -5.35 -19.09
C PHE B 244 8.18 -6.48 -19.66
N GLN B 245 7.02 -6.70 -19.06
CA GLN B 245 6.13 -7.81 -19.49
C GLN B 245 5.60 -7.44 -20.88
N ALA B 246 5.39 -6.14 -21.11
CA ALA B 246 4.76 -5.62 -22.34
C ALA B 246 5.83 -5.43 -23.43
N GLY B 247 7.09 -5.79 -23.17
CA GLY B 247 8.13 -5.79 -24.20
C GLY B 247 8.76 -4.43 -24.42
N LYS B 248 8.79 -3.56 -23.41
CA LYS B 248 9.31 -2.18 -23.55
C LYS B 248 10.72 -2.07 -22.97
N CYS B 249 11.22 -3.10 -22.26
CA CYS B 249 12.50 -3.06 -21.50
C CYS B 249 13.36 -4.28 -21.83
N ALA B 250 14.63 -4.06 -22.17
CA ALA B 250 15.62 -5.14 -22.37
C ALA B 250 16.15 -5.63 -21.03
N VAL B 251 16.28 -4.73 -20.04
CA VAL B 251 16.87 -5.08 -18.71
C VAL B 251 16.07 -4.36 -17.61
N PHE B 252 15.70 -5.07 -16.55
CA PHE B 252 15.23 -4.45 -15.30
C PHE B 252 15.51 -5.39 -14.12
N ALA B 253 15.66 -4.78 -12.94
CA ALA B 253 15.91 -5.47 -11.67
C ALA B 253 14.60 -5.90 -11.08
N SER B 254 14.52 -7.12 -10.58
CA SER B 254 13.35 -7.54 -9.76
C SER B 254 13.68 -8.82 -8.99
N GLY B 255 12.68 -9.32 -8.31
CA GLY B 255 12.75 -10.54 -7.51
C GLY B 255 12.42 -11.78 -8.31
N PRO B 256 12.47 -12.95 -7.63
CA PRO B 256 12.22 -14.23 -8.24
C PRO B 256 10.78 -14.45 -8.69
N TRP B 257 9.84 -13.64 -8.21
CA TRP B 257 8.39 -13.80 -8.53
C TRP B 257 8.13 -13.61 -10.05
N MET B 258 8.99 -12.89 -10.77
CA MET B 258 8.80 -12.71 -12.23
C MET B 258 8.89 -14.06 -12.95
N ILE B 259 9.65 -15.02 -12.41
CA ILE B 259 9.86 -16.35 -13.02
C ILE B 259 8.51 -17.08 -13.06
N GLN B 260 7.79 -17.03 -11.94
CA GLN B 260 6.43 -17.65 -11.88
C GLN B 260 5.46 -16.89 -12.77
N ARG B 261 5.52 -15.56 -12.81
CA ARG B 261 4.55 -14.78 -13.60
C ARG B 261 4.71 -15.08 -15.10
N ALA B 262 5.88 -15.52 -15.57
CA ALA B 262 6.17 -15.91 -16.98
C ALA B 262 5.33 -17.14 -17.36
N GLN B 263 4.88 -17.90 -16.36
CA GLN B 263 4.06 -19.14 -16.47
C GLN B 263 2.55 -18.89 -16.20
N VAL B 264 2.15 -17.68 -15.83
CA VAL B 264 0.74 -17.34 -15.48
C VAL B 264 0.09 -16.62 -16.68
N PRO B 265 -1.19 -16.93 -17.01
CA PRO B 265 -1.89 -16.21 -18.07
C PRO B 265 -2.08 -14.73 -17.76
N GLU B 266 -2.10 -13.90 -18.81
CA GLU B 266 -2.37 -12.44 -18.75
C GLU B 266 -3.59 -12.19 -17.85
N ALA B 267 -4.64 -13.00 -18.06
CA ALA B 267 -5.92 -13.02 -17.31
C ALA B 267 -5.66 -12.91 -15.81
N LYS B 268 -4.63 -13.59 -15.30
CA LYS B 268 -4.40 -13.77 -13.85
C LYS B 268 -3.20 -12.93 -13.39
N GLY B 269 -2.77 -11.96 -14.20
CA GLY B 269 -1.68 -11.01 -13.87
C GLY B 269 -0.29 -11.51 -14.26
N GLY B 270 -0.17 -12.50 -15.15
CA GLY B 270 1.11 -13.07 -15.61
C GLY B 270 1.39 -12.58 -17.00
N PHE B 271 2.41 -13.12 -17.67
CA PHE B 271 2.72 -12.73 -19.07
C PHE B 271 3.10 -13.94 -19.92
N ALA B 272 2.46 -15.10 -19.70
CA ALA B 272 2.74 -16.35 -20.43
C ALA B 272 2.62 -16.14 -21.96
N GLU B 273 1.71 -15.31 -22.45
CA GLU B 273 1.46 -15.17 -23.91
C GLU B 273 2.38 -14.09 -24.51
N ARG B 274 3.16 -13.35 -23.72
CA ARG B 274 4.08 -12.27 -24.19
C ARG B 274 5.47 -12.84 -24.56
N THR B 275 6.17 -12.17 -25.49
CA THR B 275 7.50 -12.56 -26.03
C THR B 275 8.51 -12.74 -24.90
N ALA B 276 8.44 -11.88 -23.87
CA ALA B 276 9.40 -11.88 -22.75
C ALA B 276 9.39 -13.25 -22.06
N ALA B 277 8.25 -13.93 -21.97
CA ALA B 277 8.10 -15.20 -21.23
C ALA B 277 9.00 -16.30 -21.78
N LYS B 278 9.27 -16.32 -23.09
CA LYS B 278 10.13 -17.36 -23.71
C LYS B 278 11.52 -16.81 -24.00
N ASN B 279 11.86 -15.61 -23.51
CA ASN B 279 13.15 -14.95 -23.83
C ASN B 279 13.68 -14.36 -22.52
N LEU B 280 13.55 -15.10 -21.41
CA LEU B 280 13.84 -14.57 -20.05
C LEU B 280 15.24 -15.00 -19.60
N GLY B 281 16.14 -14.04 -19.34
CA GLY B 281 17.43 -14.32 -18.70
C GLY B 281 17.54 -13.61 -17.36
N VAL B 282 18.40 -14.12 -16.48
CA VAL B 282 18.70 -13.50 -15.16
C VAL B 282 20.20 -13.45 -14.99
N ALA B 283 20.71 -12.32 -14.48
CA ALA B 283 22.09 -12.25 -13.98
C ALA B 283 22.12 -11.50 -12.65
N PRO B 284 23.03 -11.87 -11.71
CA PRO B 284 23.20 -11.05 -10.51
C PRO B 284 23.72 -9.66 -10.92
N TYR B 285 23.47 -8.65 -10.10
CA TYR B 285 24.08 -7.30 -10.24
C TYR B 285 25.56 -7.49 -10.57
N PRO B 286 26.11 -6.65 -11.47
CA PRO B 286 27.51 -6.78 -11.89
C PRO B 286 28.49 -6.47 -10.77
N ALA B 287 29.65 -7.11 -10.79
CA ALA B 287 30.74 -6.84 -9.84
C ALA B 287 31.11 -5.36 -9.94
N GLY B 288 31.12 -4.67 -8.81
CA GLY B 288 31.56 -3.28 -8.74
C GLY B 288 33.07 -3.24 -8.58
N PRO B 289 33.69 -2.05 -8.61
CA PRO B 289 35.13 -1.93 -8.42
C PRO B 289 35.57 -2.28 -6.99
N LYS B 290 34.65 -2.25 -6.01
CA LYS B 290 35.03 -2.43 -4.56
C LYS B 290 34.10 -3.44 -3.90
N GLY B 291 33.58 -4.36 -4.68
CA GLY B 291 32.75 -5.42 -4.11
C GLY B 291 31.61 -5.74 -5.04
N ARG B 292 30.81 -6.72 -4.64
CA ARG B 292 29.61 -7.11 -5.41
C ARG B 292 28.53 -7.48 -4.42
N TYR B 293 27.37 -6.83 -4.51
CA TYR B 293 26.31 -6.96 -3.50
C TYR B 293 24.94 -7.05 -4.14
N THR B 294 24.11 -7.88 -3.53
CA THR B 294 22.70 -8.11 -3.86
C THR B 294 21.85 -7.57 -2.69
N PHE B 295 20.92 -6.68 -2.97
CA PHE B 295 19.97 -6.16 -1.96
C PHE B 295 19.07 -7.30 -1.49
N PHE B 296 18.99 -7.49 -0.17
CA PHE B 296 18.03 -8.39 0.52
C PHE B 296 17.01 -7.59 1.32
N GLY B 297 15.75 -7.99 1.17
CA GLY B 297 14.60 -7.61 2.01
C GLY B 297 13.72 -8.80 2.32
N GLY B 298 12.42 -8.54 2.38
CA GLY B 298 11.39 -9.56 2.67
C GLY B 298 10.97 -9.42 4.11
N SER B 299 10.57 -10.50 4.72
CA SER B 299 9.84 -10.42 6.00
C SER B 299 10.26 -11.55 6.90
N ASN B 300 10.14 -11.26 8.19
CA ASN B 300 10.36 -12.15 9.32
C ASN B 300 9.04 -12.33 10.06
N LEU B 301 9.03 -13.26 11.03
CA LEU B 301 7.91 -13.42 11.97
C LEU B 301 8.36 -13.07 13.39
N ALA B 302 7.49 -12.47 14.18
CA ALA B 302 7.77 -12.10 15.59
C ALA B 302 6.62 -12.49 16.51
N LEU B 303 6.89 -12.64 17.80
CA LEU B 303 5.95 -13.08 18.85
C LEU B 303 5.85 -11.95 19.86
N PHE B 304 4.69 -11.32 20.00
CA PHE B 304 4.43 -10.30 21.02
C PHE B 304 4.54 -11.00 22.38
N ASN B 305 5.21 -10.32 23.31
CA ASN B 305 5.48 -10.86 24.67
C ASN B 305 4.19 -10.85 25.49
N PHE B 306 3.06 -10.32 25.00
CA PHE B 306 1.74 -10.39 25.70
C PHE B 306 0.91 -11.60 25.22
N SER B 307 1.35 -12.34 24.21
CA SER B 307 0.60 -13.54 23.73
C SER B 307 0.26 -14.44 24.95
N LYS B 308 -0.92 -15.05 24.97
CA LYS B 308 -1.30 -16.03 26.03
C LYS B 308 -0.95 -17.45 25.55
N ASN B 309 -0.29 -17.57 24.39
CA ASN B 309 -0.14 -18.88 23.69
C ASN B 309 1.31 -19.04 23.22
N LYS B 310 2.29 -18.64 24.04
CA LYS B 310 3.70 -18.48 23.62
C LYS B 310 4.26 -19.82 23.16
N PRO B 311 4.12 -20.93 23.94
CA PRO B 311 4.64 -22.21 23.52
C PRO B 311 4.07 -22.69 22.18
N LEU B 312 2.76 -22.60 21.96
CA LEU B 312 2.15 -22.99 20.66
C LEU B 312 2.62 -22.04 19.55
N ALA B 313 2.75 -20.74 19.83
CA ALA B 313 3.24 -19.76 18.84
C ALA B 313 4.66 -20.13 18.42
N LYS B 314 5.49 -20.55 19.37
CA LYS B 314 6.90 -20.93 19.07
C LYS B 314 6.91 -22.21 18.23
N GLU B 315 6.02 -23.17 18.52
CA GLU B 315 5.84 -24.34 17.64
C GLU B 315 5.50 -23.84 16.24
N LEU B 316 4.58 -22.90 16.10
CA LEU B 316 4.21 -22.41 14.75
C LEU B 316 5.40 -21.68 14.09
N LEU B 317 6.19 -20.93 14.86
CA LEU B 317 7.41 -20.26 14.33
C LEU B 317 8.41 -21.31 13.82
N LYS B 318 8.61 -22.42 14.53
CA LYS B 318 9.58 -23.47 14.09
C LYS B 318 9.05 -24.09 12.79
N TYR B 319 7.72 -24.21 12.68
CA TYR B 319 7.06 -24.86 11.53
C TYR B 319 7.25 -23.96 10.29
N LEU B 320 6.86 -22.69 10.39
CA LEU B 320 6.95 -21.69 9.30
C LEU B 320 8.42 -21.42 8.90
N GLY B 321 9.32 -21.48 9.87
CA GLY B 321 10.77 -21.25 9.66
C GLY B 321 11.48 -22.47 9.13
N GLY B 322 10.83 -23.65 9.13
CA GLY B 322 11.45 -24.96 8.89
C GLY B 322 11.43 -25.38 7.42
N PRO B 323 12.16 -26.47 7.05
CA PRO B 323 12.33 -26.87 5.64
C PRO B 323 11.07 -26.94 4.76
N GLU B 324 10.08 -27.73 5.14
CA GLU B 324 8.85 -28.00 4.34
C GLU B 324 8.07 -26.71 4.12
N ALA B 325 7.79 -25.94 5.19
CA ALA B 325 7.00 -24.71 5.07
C ALA B 325 7.83 -23.66 4.31
N GLN B 326 9.15 -23.67 4.45
CA GLN B 326 10.09 -22.70 3.79
C GLN B 326 10.03 -22.92 2.28
N VAL B 327 10.17 -24.16 1.80
CA VAL B 327 9.99 -24.52 0.36
C VAL B 327 8.57 -24.11 -0.09
N ARG B 328 7.54 -24.54 0.64
CA ARG B 328 6.11 -24.31 0.27
C ARG B 328 5.81 -22.81 0.12
N TYR B 329 6.11 -21.97 1.12
CA TYR B 329 5.73 -20.53 1.07
C TYR B 329 6.58 -19.75 0.05
N ALA B 330 7.84 -20.15 -0.15
CA ALA B 330 8.69 -19.51 -1.18
C ALA B 330 8.04 -19.70 -2.56
N GLN B 331 7.55 -20.90 -2.85
CA GLN B 331 6.69 -21.21 -4.01
C GLN B 331 5.49 -20.24 -4.08
N MET B 332 4.66 -20.16 -3.04
CA MET B 332 3.40 -19.33 -3.05
C MET B 332 3.75 -17.85 -3.27
N THR B 333 4.83 -17.35 -2.66
CA THR B 333 5.18 -15.91 -2.62
C THR B 333 6.07 -15.51 -3.79
N GLY B 334 6.65 -16.48 -4.51
CA GLY B 334 7.70 -16.23 -5.51
C GLY B 334 8.99 -15.66 -4.91
N MET B 335 9.32 -16.00 -3.66
CA MET B 335 10.46 -15.44 -2.91
C MET B 335 11.54 -16.53 -2.77
N LEU B 336 12.64 -16.22 -2.12
CA LEU B 336 13.67 -17.22 -1.80
C LEU B 336 13.45 -17.62 -0.35
N PRO B 337 13.54 -18.91 0.00
CA PRO B 337 13.53 -19.27 1.41
C PRO B 337 14.62 -18.48 2.18
N ALA B 338 14.26 -18.07 3.40
CA ALA B 338 15.21 -17.52 4.40
C ALA B 338 16.14 -18.63 4.87
N LEU B 339 15.62 -19.84 4.97
CA LEU B 339 16.41 -20.99 5.50
C LEU B 339 17.22 -21.58 4.35
N ARG B 340 18.53 -21.52 4.46
CA ARG B 340 19.45 -21.90 3.35
C ARG B 340 19.26 -23.37 2.99
N SER B 341 18.96 -24.24 3.94
CA SER B 341 18.80 -25.68 3.63
C SER B 341 17.70 -25.88 2.57
N ALA B 342 16.66 -25.01 2.54
CA ALA B 342 15.54 -25.16 1.60
C ALA B 342 15.97 -24.86 0.16
N TRP B 343 17.12 -24.21 -0.06
CA TRP B 343 17.57 -23.83 -1.43
C TRP B 343 17.85 -25.07 -2.29
N SER B 344 18.07 -26.25 -1.70
CA SER B 344 18.55 -27.43 -2.47
C SER B 344 17.32 -28.19 -3.00
N ASP B 345 16.13 -27.79 -2.57
CA ASP B 345 14.89 -28.47 -2.99
C ASP B 345 14.83 -28.47 -4.52
N PRO B 346 14.32 -29.53 -5.16
CA PRO B 346 14.18 -29.52 -6.62
C PRO B 346 13.30 -28.38 -7.19
N SER B 347 12.33 -27.85 -6.43
CA SER B 347 11.49 -26.72 -6.90
C SER B 347 12.40 -25.53 -7.30
N PHE B 348 13.58 -25.40 -6.69
CA PHE B 348 14.58 -24.35 -7.05
C PHE B 348 15.59 -24.94 -8.03
N GLN B 349 16.15 -26.10 -7.70
CA GLN B 349 17.35 -26.64 -8.39
C GLN B 349 16.99 -27.12 -9.81
N GLN B 350 15.72 -27.37 -10.11
CA GLN B 350 15.31 -27.83 -11.46
C GLN B 350 15.18 -26.63 -12.38
N ASN B 351 15.22 -25.37 -11.87
CA ASN B 351 14.94 -24.15 -12.66
C ASN B 351 16.20 -23.29 -12.74
N PRO B 352 16.84 -23.19 -13.93
CA PRO B 352 18.10 -22.47 -14.04
C PRO B 352 17.99 -21.00 -13.62
N LEU B 353 16.82 -20.37 -13.76
CA LEU B 353 16.64 -18.96 -13.39
C LEU B 353 16.68 -18.88 -11.87
N LEU B 354 16.08 -19.84 -11.18
CA LEU B 354 16.07 -19.81 -9.69
C LEU B 354 17.47 -20.12 -9.19
N ARG B 355 18.18 -21.02 -9.87
CA ARG B 355 19.61 -21.30 -9.58
C ARG B 355 20.37 -19.96 -9.59
N THR B 356 20.09 -19.09 -10.56
CA THR B 356 20.81 -17.80 -10.72
C THR B 356 20.47 -16.91 -9.54
N PHE B 357 19.20 -16.86 -9.12
CA PHE B 357 18.82 -16.12 -7.88
C PHE B 357 19.57 -16.69 -6.67
N ILE B 358 19.80 -18.01 -6.63
CA ILE B 358 20.59 -18.58 -5.48
C ILE B 358 22.06 -18.10 -5.59
N GLN B 359 22.63 -18.02 -6.78
CA GLN B 359 23.98 -17.42 -6.99
C GLN B 359 23.95 -15.95 -6.54
N ALA B 360 22.91 -15.20 -6.87
CA ALA B 360 22.84 -13.78 -6.48
C ALA B 360 22.83 -13.67 -4.94
N ALA B 361 22.20 -14.62 -4.27
CA ALA B 361 22.00 -14.65 -2.80
C ALA B 361 23.34 -14.67 -2.09
N GLN B 362 24.36 -15.21 -2.76
CA GLN B 362 25.68 -15.34 -2.16
C GLN B 362 26.24 -13.95 -1.87
N PHE B 363 25.80 -12.91 -2.58
CA PHE B 363 26.37 -11.54 -2.39
C PHE B 363 25.44 -10.73 -1.47
N GLY B 364 24.63 -11.42 -0.65
CA GLY B 364 23.47 -10.82 0.03
C GLY B 364 23.92 -9.78 1.02
N ARG B 365 23.29 -8.60 1.00
CA ARG B 365 23.59 -7.53 1.98
C ARG B 365 22.30 -6.78 2.29
N THR B 366 22.10 -6.38 3.53
CA THR B 366 20.90 -5.62 3.94
C THR B 366 21.37 -4.43 4.79
N TYR B 367 20.45 -3.53 5.07
CA TYR B 367 20.71 -2.37 5.94
C TYR B 367 20.96 -2.84 7.37
N PRO B 368 21.70 -2.06 8.17
CA PRO B 368 21.78 -2.35 9.59
C PRO B 368 20.38 -2.27 10.21
N SER B 369 20.08 -3.12 11.19
CA SER B 369 18.73 -3.19 11.82
C SER B 369 18.63 -2.15 12.93
N LEU B 370 18.74 -0.88 12.59
CA LEU B 370 18.66 0.22 13.58
C LEU B 370 17.21 0.42 13.99
N ALA B 371 17.01 0.88 15.22
CA ALA B 371 15.70 1.26 15.80
C ALA B 371 15.12 2.41 14.97
N GLY B 372 15.97 3.33 14.53
CA GLY B 372 15.60 4.54 13.78
C GLY B 372 15.78 4.35 12.28
N TRP B 373 15.79 3.12 11.79
CA TRP B 373 16.04 2.86 10.35
C TRP B 373 15.05 3.64 9.48
N GLY B 374 13.76 3.63 9.79
CA GLY B 374 12.72 4.33 9.01
C GLY B 374 13.13 5.75 8.61
N GLY B 375 13.57 6.54 9.58
CA GLY B 375 13.88 7.97 9.41
C GLY B 375 15.13 8.16 8.57
N VAL B 376 16.11 7.27 8.75
CA VAL B 376 17.34 7.29 7.90
C VAL B 376 16.95 7.07 6.42
N GLU B 377 16.23 5.98 6.16
CA GLU B 377 15.78 5.61 4.80
C GLU B 377 14.92 6.74 4.23
N ASN B 378 13.96 7.25 5.01
CA ASN B 378 13.06 8.34 4.53
C ASN B 378 13.88 9.59 4.17
N LEU B 379 14.83 9.98 5.02
CA LEU B 379 15.64 11.19 4.75
C LEU B 379 16.54 10.95 3.53
N ALA B 380 17.18 9.79 3.43
CA ALA B 380 17.97 9.39 2.24
C ALA B 380 17.09 9.57 1.00
N VAL B 381 15.90 8.97 1.03
CA VAL B 381 15.05 8.87 -0.18
C VAL B 381 14.63 10.30 -0.60
N GLN B 382 14.34 11.21 0.35
CA GLN B 382 14.00 12.64 0.07
C GLN B 382 15.11 13.22 -0.83
N HIS B 383 16.38 12.95 -0.52
CA HIS B 383 17.56 13.62 -1.15
C HIS B 383 17.93 12.91 -2.45
N LEU B 384 17.83 11.59 -2.49
CA LEU B 384 17.92 10.82 -3.74
C LEU B 384 16.86 11.27 -4.76
N GLY B 385 15.64 11.58 -4.30
CA GLY B 385 14.54 12.08 -5.16
C GLY B 385 14.96 13.38 -5.82
N MET B 386 15.56 14.28 -5.06
CA MET B 386 16.09 15.56 -5.61
C MET B 386 17.19 15.25 -6.62
N ALA B 387 18.04 14.25 -6.36
CA ALA B 387 19.07 13.87 -7.35
C ALA B 387 18.37 13.35 -8.62
N TRP B 388 17.31 12.52 -8.47
CA TRP B 388 16.57 12.01 -9.65
C TRP B 388 15.93 13.17 -10.44
N ASP B 389 15.45 14.22 -9.78
CA ASP B 389 14.91 15.44 -10.43
C ASP B 389 16.00 16.07 -11.33
N LEU B 390 17.22 16.21 -10.84
CA LEU B 390 18.37 16.73 -11.64
C LEU B 390 18.62 15.80 -12.83
N VAL B 391 18.67 14.49 -12.60
CA VAL B 391 18.82 13.49 -13.69
C VAL B 391 17.80 13.76 -14.80
N ALA B 392 16.53 13.93 -14.42
CA ALA B 392 15.35 14.04 -15.31
C ALA B 392 15.53 15.27 -16.20
N GLN B 393 16.30 16.24 -15.73
CA GLN B 393 16.55 17.50 -16.48
C GLN B 393 17.91 17.47 -17.18
N GLY B 394 18.68 16.38 -17.03
CA GLY B 394 20.06 16.28 -17.56
C GLY B 394 21.04 17.16 -16.78
N ARG B 395 20.77 17.46 -15.51
CA ARG B 395 21.56 18.42 -14.70
C ARG B 395 22.30 17.73 -13.54
N LEU B 396 22.36 16.40 -13.45
CA LEU B 396 23.10 15.77 -12.32
C LEU B 396 24.59 15.86 -12.66
N THR B 397 25.37 16.54 -11.81
CA THR B 397 26.86 16.49 -11.86
C THR B 397 27.29 15.84 -10.55
N ARG B 398 28.55 15.39 -10.48
CA ARG B 398 29.13 14.84 -9.23
C ARG B 398 28.98 15.86 -8.11
N GLU B 399 29.27 17.12 -8.41
CA GLU B 399 29.23 18.28 -7.48
C GLU B 399 27.84 18.44 -6.88
N ALA B 400 26.83 18.42 -7.75
CA ALA B 400 25.41 18.64 -7.36
C ALA B 400 24.97 17.43 -6.52
N LEU B 401 25.44 16.23 -6.88
CA LEU B 401 25.07 15.01 -6.11
C LEU B 401 25.67 15.13 -4.71
N LYS B 402 26.92 15.57 -4.59
CA LYS B 402 27.61 15.67 -3.28
C LYS B 402 26.87 16.67 -2.37
N ASP B 403 26.41 17.82 -2.90
CA ASP B 403 25.69 18.84 -2.07
C ASP B 403 24.41 18.21 -1.52
N LEU B 404 23.70 17.39 -2.31
CA LEU B 404 22.43 16.71 -1.89
C LEU B 404 22.74 15.66 -0.82
N MET B 405 23.84 14.92 -0.97
CA MET B 405 24.17 13.87 0.00
C MET B 405 24.76 14.50 1.27
N ASP B 406 25.45 15.64 1.16
CA ASP B 406 25.86 16.44 2.35
C ASP B 406 24.57 16.86 3.10
N LYS B 407 23.55 17.35 2.39
CA LYS B 407 22.29 17.79 3.04
C LYS B 407 21.66 16.55 3.69
N ALA B 408 21.61 15.45 2.94
CA ALA B 408 21.04 14.18 3.44
C ALA B 408 21.77 13.81 4.74
N SER B 409 23.10 13.93 4.76
CA SER B 409 23.93 13.40 5.85
C SER B 409 23.70 14.25 7.09
N ALA B 410 23.59 15.56 6.95
CA ALA B 410 23.23 16.41 8.12
C ALA B 410 21.85 16.00 8.65
N ALA B 411 20.84 15.76 7.82
CA ALA B 411 19.48 15.40 8.27
C ALA B 411 19.52 14.02 8.96
N ILE B 412 20.26 13.06 8.36
CA ILE B 412 20.36 11.68 8.90
C ILE B 412 21.05 11.74 10.27
N ASN B 413 22.18 12.42 10.35
CA ASN B 413 22.97 12.53 11.60
C ASN B 413 22.07 13.13 12.67
N GLN B 414 21.30 14.20 12.39
CA GLN B 414 20.38 14.78 13.41
C GLN B 414 19.37 13.73 13.88
N ALA B 415 18.77 12.97 12.95
CA ALA B 415 17.79 11.92 13.25
C ALA B 415 18.38 10.88 14.21
N LEU B 416 19.66 10.53 14.02
CA LEU B 416 20.31 9.43 14.76
C LEU B 416 20.75 9.90 16.17
N ARG B 417 20.78 11.20 16.49
CA ARG B 417 21.28 11.74 17.80
C ARG B 417 20.28 11.51 18.96
CL CL C . -17.94 8.30 14.83
S SO2 D . -31.01 -12.79 13.57
O1 SO2 D . -30.84 -11.70 12.64
O2 SO2 D . -29.78 -13.38 14.00
S SO2 E . -28.39 -13.75 19.31
O1 SO2 E . -28.11 -12.47 18.73
O2 SO2 E . -28.31 -13.83 20.72
S SO3 F . -30.01 11.44 -17.79
O1 SO3 F . -30.62 11.58 -16.44
O2 SO3 F . -28.61 11.95 -17.62
O3 SO3 F . -29.85 9.96 -17.95
C1 EDO G . -29.07 14.65 4.84
O1 EDO G . -28.50 14.20 6.04
C2 EDO G . -30.52 14.37 4.67
O2 EDO G . -31.20 13.76 5.76
C1 EDO H . -30.69 12.78 -9.82
O1 EDO H . -30.16 13.85 -9.04
C2 EDO H . -31.70 13.23 -10.81
O2 EDO H . -31.97 12.29 -11.83
C1 PGE I . -5.82 3.08 0.21
O1 PGE I . -5.15 2.71 1.40
C2 PGE I . -6.92 4.10 0.47
O2 PGE I . -6.91 5.13 -0.52
C3 PGE I . -8.11 5.24 -1.28
C4 PGE I . -8.04 4.30 -2.48
O4 PGE I . -8.81 3.75 -6.76
C6 PGE I . -9.48 4.33 -5.66
C5 PGE I . -9.24 3.57 -4.40
O3 PGE I . -9.20 4.46 -3.28
CL CL J . 24.36 0.35 4.61
CL CL K . 24.47 -7.43 5.75
S SO2 L . 30.59 9.93 -16.74
O1 SO2 L . 31.21 8.78 -17.32
O2 SO2 L . 31.46 10.93 -16.17
C1 PGE M . 6.45 -3.50 -0.59
O1 PGE M . 5.11 -3.18 -0.94
C2 PGE M . 6.59 -4.90 -0.05
O2 PGE M . 6.73 -5.81 -1.13
C3 PGE M . 7.89 -6.62 -1.09
C4 PGE M . 8.12 -7.29 -2.41
O4 PGE M . 5.32 -9.16 -5.77
C6 PGE M . 5.86 -7.97 -5.25
C5 PGE M . 6.94 -8.24 -4.25
O3 PGE M . 6.94 -7.25 -3.23
C1 PGE N . 11.97 -5.13 2.30
O1 PGE N . 12.66 -4.12 1.57
C2 PGE N . 12.09 -4.95 3.79
O2 PGE N . 10.84 -4.61 4.41
C3 PGE N . 10.15 -3.53 3.80
C4 PGE N . 8.68 -3.82 3.79
O4 PGE N . 8.55 0.31 4.57
C6 PGE N . 8.22 -0.46 3.42
C5 PGE N . 7.51 -1.74 3.77
O3 PGE N . 8.02 -2.83 3.00
#